data_6RA3
#
_entry.id   6RA3
#
_cell.length_a   96.173
_cell.length_b   96.173
_cell.length_c   189.616
_cell.angle_alpha   90.000
_cell.angle_beta   90.000
_cell.angle_gamma   90.000
#
_symmetry.space_group_name_H-M   'P 43 21 2'
#
loop_
_entity.id
_entity.type
_entity.pdbx_description
1 polymer 'Putative dioxygenase (1H-3-hydroxy-4-oxoquinaldine 2,4-dioxygenase)'
2 non-polymer '2-(octanoylamino)benzoic acid'
3 water water
#
_entity_poly.entity_id   1
_entity_poly.type   'polypeptide(L)'
_entity_poly.pdbx_seq_one_letter_code
;MITTKTVNGVQIAFDDQGHEPGPVFVTLSGWAHDLRAYDGMLPYLRAAQRTVRVCWRGHGPDRNLVGDFGIDEMAADTIG
LLDALEVDSFVPIAHAHGGWAALEIADRLGAQRVPAVMILDLIMTPAPREFVAALHGIQDPERWKEGRDGLVQSWLAGTT
NQAVLDHVRYDSGGHGFDMWARAGRVIDEAYRTWGSPMRRMEALAEPCAIRHVFSHPKIGEYDALHDDFAARHPWFSYRR
LGGETHFPGIELPQQVAAEAIDLLAGARI
;
_entity_poly.pdbx_strand_id   A,F,E
#
# COMPACT_ATOMS: atom_id res chain seq x y z
N MET A 1 1.36 -0.14 -5.27
CA MET A 1 0.22 -0.06 -6.19
C MET A 1 -0.46 1.34 -6.24
N ILE A 2 -0.95 1.83 -5.11
CA ILE A 2 -1.78 3.05 -5.07
C ILE A 2 -0.92 4.30 -5.00
N THR A 3 -1.13 5.22 -5.94
CA THR A 3 -0.41 6.46 -6.02
C THR A 3 -1.37 7.61 -5.71
N THR A 4 -0.81 8.77 -5.40
CA THR A 4 -1.57 9.97 -5.14
C THR A 4 -0.96 11.14 -5.86
N LYS A 5 -1.83 12.11 -6.16
CA LYS A 5 -1.42 13.44 -6.52
C LYS A 5 -2.28 14.44 -5.76
N THR A 6 -1.69 15.58 -5.49
CA THR A 6 -2.42 16.77 -5.05
C THR A 6 -3.09 17.41 -6.27
N VAL A 7 -4.43 17.44 -6.27
CA VAL A 7 -5.22 18.13 -7.29
C VAL A 7 -6.19 19.09 -6.60
N ASN A 8 -6.23 20.34 -7.05
CA ASN A 8 -7.07 21.36 -6.40
C ASN A 8 -6.77 21.36 -4.90
N GLY A 9 -5.47 21.24 -4.58
CA GLY A 9 -4.99 21.30 -3.21
C GLY A 9 -5.43 20.18 -2.29
N VAL A 10 -6.11 19.16 -2.81
CA VAL A 10 -6.49 17.99 -2.03
C VAL A 10 -5.82 16.73 -2.60
N GLN A 11 -5.83 15.67 -1.80
CA GLN A 11 -5.12 14.43 -2.14
C GLN A 11 -6.05 13.46 -2.84
N ILE A 12 -5.72 13.13 -4.09
CA ILE A 12 -6.51 12.23 -4.94
C ILE A 12 -5.71 10.95 -5.13
N ALA A 13 -6.20 9.85 -4.59
CA ALA A 13 -5.61 8.55 -4.83
C ALA A 13 -6.12 7.96 -6.14
N PHE A 14 -5.25 7.20 -6.78
CA PHE A 14 -5.57 6.60 -8.08
C PHE A 14 -4.60 5.48 -8.38
N ASP A 15 -4.90 4.71 -9.42
CA ASP A 15 -3.89 3.93 -10.11
C ASP A 15 -4.16 3.95 -11.61
N ASP A 16 -3.11 3.64 -12.35
CA ASP A 16 -3.03 3.86 -13.79
C ASP A 16 -2.38 2.62 -14.39
N GLN A 17 -3.14 1.86 -15.20
CA GLN A 17 -2.73 0.56 -15.71
C GLN A 17 -3.11 0.45 -17.19
N GLY A 18 -2.22 -0.09 -18.00
CA GLY A 18 -2.44 -0.36 -19.43
C GLY A 18 -1.88 0.70 -20.34
N HIS A 19 -1.55 0.30 -21.60
CA HIS A 19 -1.05 1.28 -22.57
C HIS A 19 -1.67 1.16 -23.95
N GLU A 20 -2.73 0.40 -24.13
CA GLU A 20 -3.39 0.35 -25.42
C GLU A 20 -3.77 1.75 -25.89
N PRO A 21 -3.90 2.00 -27.18
CA PRO A 21 -4.32 3.32 -27.65
C PRO A 21 -5.85 3.45 -27.69
N GLY A 22 -6.29 4.70 -27.74
CA GLY A 22 -7.70 5.00 -27.76
C GLY A 22 -8.12 5.66 -26.46
N PRO A 23 -9.43 5.78 -26.25
CA PRO A 23 -9.93 6.39 -25.00
C PRO A 23 -9.56 5.57 -23.79
N VAL A 24 -9.32 6.30 -22.70
CA VAL A 24 -8.95 5.74 -21.41
C VAL A 24 -10.23 5.43 -20.63
N PHE A 25 -10.31 4.24 -20.04
CA PHE A 25 -11.34 3.99 -19.04
C PHE A 25 -11.00 4.70 -17.72
N VAL A 26 -11.94 5.49 -17.18
CA VAL A 26 -11.77 6.15 -15.88
C VAL A 26 -12.88 5.66 -14.96
N THR A 27 -12.50 4.89 -13.95
CA THR A 27 -13.44 4.35 -13.01
C THR A 27 -13.67 5.35 -11.89
N LEU A 28 -14.92 5.48 -11.49
CA LEU A 28 -15.37 6.43 -10.49
C LEU A 28 -16.32 5.65 -9.61
N SER A 29 -16.03 5.63 -8.31
CA SER A 29 -16.80 4.83 -7.38
C SER A 29 -17.94 5.67 -6.81
N GLY A 30 -18.79 5.04 -6.01
CA GLY A 30 -19.84 5.73 -5.29
C GLY A 30 -19.31 6.38 -4.02
N TRP A 31 -20.23 6.82 -3.16
CA TRP A 31 -19.83 7.48 -1.92
C TRP A 31 -19.39 6.42 -0.94
N ALA A 32 -18.31 6.72 -0.21
CA ALA A 32 -17.85 5.90 0.92
C ALA A 32 -17.15 4.62 0.50
N HIS A 33 -16.58 4.57 -0.69
CA HIS A 33 -15.74 3.44 -1.02
C HIS A 33 -14.81 3.90 -2.12
N ASP A 34 -13.83 3.05 -2.42
CA ASP A 34 -12.70 3.52 -3.21
C ASP A 34 -12.50 2.65 -4.46
N LEU A 35 -11.31 2.70 -5.04
CA LEU A 35 -11.08 2.08 -6.33
C LEU A 35 -11.17 0.56 -6.26
N ARG A 36 -11.16 -0.04 -5.06
CA ARG A 36 -11.46 -1.46 -4.92
C ARG A 36 -12.86 -1.83 -5.38
N ALA A 37 -13.74 -0.86 -5.60
CA ALA A 37 -15.03 -1.16 -6.23
C ALA A 37 -14.83 -1.75 -7.62
N TYR A 38 -13.64 -1.60 -8.20
CA TYR A 38 -13.36 -2.00 -9.58
C TYR A 38 -12.27 -3.05 -9.66
N ASP A 39 -11.91 -3.69 -8.54
CA ASP A 39 -10.95 -4.79 -8.59
C ASP A 39 -11.44 -5.90 -9.51
N GLY A 40 -12.74 -6.21 -9.47
CA GLY A 40 -13.24 -7.32 -10.26
C GLY A 40 -13.21 -7.04 -11.75
N MET A 41 -13.51 -5.80 -12.15
CA MET A 41 -13.53 -5.41 -13.55
C MET A 41 -12.14 -5.08 -14.08
N LEU A 42 -11.21 -4.70 -13.20
CA LEU A 42 -9.92 -4.19 -13.62
C LEU A 42 -9.16 -5.11 -14.58
N PRO A 43 -9.05 -6.41 -14.34
CA PRO A 43 -8.29 -7.23 -15.30
C PRO A 43 -8.81 -7.13 -16.72
N TYR A 44 -10.14 -7.02 -16.87
CA TYR A 44 -10.78 -6.93 -18.18
C TYR A 44 -10.62 -5.53 -18.76
N LEU A 45 -10.74 -4.49 -17.94
CA LEU A 45 -10.60 -3.13 -18.45
C LEU A 45 -9.18 -2.86 -18.93
N ARG A 46 -8.19 -3.27 -18.13
CA ARG A 46 -6.81 -2.88 -18.43
C ARG A 46 -6.28 -3.65 -19.63
N ALA A 47 -6.85 -4.83 -19.92
CA ALA A 47 -6.49 -5.53 -21.15
C ALA A 47 -7.00 -4.78 -22.37
N ALA A 48 -8.07 -3.99 -22.21
CA ALA A 48 -8.68 -3.33 -23.35
C ALA A 48 -8.11 -1.94 -23.59
N GLN A 49 -7.86 -1.17 -22.54
CA GLN A 49 -7.45 0.22 -22.67
C GLN A 49 -6.66 0.61 -21.44
N ARG A 50 -5.90 1.69 -21.56
CA ARG A 50 -5.39 2.34 -20.37
C ARG A 50 -6.57 2.60 -19.46
N THR A 51 -6.47 2.10 -18.23
CA THR A 51 -7.50 2.27 -17.22
C THR A 51 -6.92 3.03 -16.03
N VAL A 52 -7.59 4.13 -15.66
CA VAL A 52 -7.24 4.97 -14.51
C VAL A 52 -8.38 4.85 -13.52
N ARG A 53 -8.12 4.24 -12.36
CA ARG A 53 -9.11 4.15 -11.31
C ARG A 53 -8.93 5.32 -10.36
N VAL A 54 -10.00 6.05 -10.07
CA VAL A 54 -9.92 7.33 -9.37
C VAL A 54 -10.70 7.24 -8.07
N CYS A 55 -10.10 7.76 -7.00
CA CYS A 55 -10.74 7.89 -5.71
C CYS A 55 -11.22 9.32 -5.54
N TRP A 56 -12.36 9.51 -4.88
CA TRP A 56 -12.79 10.85 -4.48
C TRP A 56 -11.88 11.41 -3.39
N ARG A 57 -11.81 12.74 -3.32
CA ARG A 57 -11.17 13.39 -2.19
C ARG A 57 -11.74 12.85 -0.88
N GLY A 58 -10.87 12.71 0.11
CA GLY A 58 -11.28 12.13 1.37
C GLY A 58 -11.52 10.63 1.38
N HIS A 59 -11.36 9.96 0.23
CA HIS A 59 -11.61 8.52 0.12
C HIS A 59 -10.34 7.70 -0.06
N GLY A 60 -9.19 8.35 -0.21
CA GLY A 60 -7.94 7.64 -0.38
C GLY A 60 -7.45 7.03 0.92
N PRO A 61 -6.17 6.61 0.96
CA PRO A 61 -5.62 6.10 2.22
C PRO A 61 -5.64 7.12 3.34
N ASP A 62 -5.52 8.42 3.07
CA ASP A 62 -5.59 9.44 4.11
C ASP A 62 -7.06 9.66 4.50
N ARG A 63 -7.45 9.18 5.67
CA ARG A 63 -8.85 9.27 6.08
C ARG A 63 -9.12 10.40 7.06
N ASN A 64 -8.27 11.42 7.07
CA ASN A 64 -8.61 12.64 7.78
C ASN A 64 -9.86 13.26 7.16
N LEU A 65 -10.58 14.01 7.96
CA LEU A 65 -11.77 14.68 7.47
C LEU A 65 -11.38 15.89 6.64
N VAL A 66 -11.98 16.00 5.46
CA VAL A 66 -11.63 17.05 4.53
C VAL A 66 -12.68 18.15 4.61
N GLY A 67 -12.37 19.30 4.02
CA GLY A 67 -13.37 20.32 3.84
C GLY A 67 -14.54 19.83 3.02
N ASP A 68 -15.70 20.43 3.28
CA ASP A 68 -16.95 20.02 2.68
C ASP A 68 -16.87 20.15 1.15
N PHE A 69 -17.52 19.24 0.46
CA PHE A 69 -17.41 19.18 -0.98
C PHE A 69 -18.62 18.40 -1.51
N GLY A 70 -18.86 18.54 -2.80
CA GLY A 70 -19.84 17.72 -3.49
C GLY A 70 -19.46 17.50 -4.94
N ILE A 71 -20.47 17.52 -5.82
CA ILE A 71 -20.26 17.02 -7.19
C ILE A 71 -19.33 17.93 -7.99
N ASP A 72 -19.45 19.25 -7.82
CA ASP A 72 -18.52 20.16 -8.51
C ASP A 72 -17.06 19.82 -8.23
N GLU A 73 -16.74 19.50 -6.96
CA GLU A 73 -15.38 19.16 -6.58
C GLU A 73 -14.98 17.78 -7.10
N MET A 74 -15.88 16.81 -7.06
CA MET A 74 -15.56 15.48 -7.55
C MET A 74 -15.17 15.53 -9.03
N ALA A 75 -15.84 16.37 -9.80
CA ALA A 75 -15.56 16.57 -11.21
C ALA A 75 -14.33 17.43 -11.46
N ALA A 76 -14.15 18.49 -10.66
CA ALA A 76 -12.97 19.32 -10.83
C ALA A 76 -11.71 18.53 -10.50
N ASP A 77 -11.80 17.64 -9.49
CA ASP A 77 -10.64 16.85 -9.06
C ASP A 77 -10.28 15.79 -10.10
N THR A 78 -11.29 15.06 -10.58
CA THR A 78 -11.07 13.98 -11.54
C THR A 78 -10.51 14.53 -12.83
N ILE A 79 -11.07 15.66 -13.28
CA ILE A 79 -10.56 16.31 -14.48
C ILE A 79 -9.15 16.81 -14.27
N GLY A 80 -8.87 17.38 -13.10
CA GLY A 80 -7.52 17.89 -12.87
C GLY A 80 -6.50 16.78 -12.85
N LEU A 81 -6.88 15.63 -12.31
CA LEU A 81 -6.00 14.46 -12.30
C LEU A 81 -5.72 13.98 -13.72
N LEU A 82 -6.75 13.92 -14.56
CA LEU A 82 -6.56 13.39 -15.92
C LEU A 82 -5.66 14.31 -16.77
N ASP A 83 -5.85 15.63 -16.66
CA ASP A 83 -4.93 16.58 -17.28
C ASP A 83 -3.49 16.36 -16.80
N ALA A 84 -3.31 16.11 -15.49
CA ALA A 84 -1.96 15.87 -14.98
C ALA A 84 -1.39 14.57 -15.52
N LEU A 85 -2.21 13.55 -15.70
CA LEU A 85 -1.77 12.26 -16.24
C LEU A 85 -1.76 12.22 -17.77
N GLU A 86 -1.92 13.38 -18.41
CA GLU A 86 -2.06 13.54 -19.85
C GLU A 86 -2.97 12.48 -20.47
N VAL A 87 -4.13 12.32 -19.87
CA VAL A 87 -5.21 11.54 -20.47
C VAL A 87 -5.96 12.49 -21.38
N ASP A 88 -6.05 12.15 -22.66
CA ASP A 88 -6.87 12.94 -23.56
C ASP A 88 -8.31 12.43 -23.51
N SER A 89 -8.73 11.66 -24.50
CA SER A 89 -10.11 11.23 -24.54
C SER A 89 -10.32 10.07 -23.58
N PHE A 90 -11.46 10.06 -22.92
CA PHE A 90 -11.69 9.06 -21.90
C PHE A 90 -13.17 8.82 -21.71
N VAL A 91 -13.44 7.66 -21.14
CA VAL A 91 -14.79 7.14 -20.95
C VAL A 91 -14.98 6.88 -19.47
N PRO A 92 -15.64 7.78 -18.74
CA PRO A 92 -15.99 7.50 -17.35
C PRO A 92 -16.87 6.28 -17.19
N ILE A 93 -16.54 5.46 -16.20
CA ILE A 93 -17.39 4.40 -15.69
C ILE A 93 -17.67 4.76 -14.23
N ALA A 94 -18.94 4.92 -13.86
CA ALA A 94 -19.32 5.53 -12.58
C ALA A 94 -20.40 4.72 -11.85
N HIS A 95 -20.15 4.43 -10.57
CA HIS A 95 -21.07 3.63 -9.79
C HIS A 95 -22.08 4.51 -9.05
N ALA A 96 -23.35 4.10 -9.13
CA ALA A 96 -24.47 4.81 -8.53
C ALA A 96 -24.23 6.31 -8.55
N HIS A 97 -24.21 6.94 -7.38
CA HIS A 97 -24.29 8.38 -7.38
C HIS A 97 -22.98 9.05 -7.79
N GLY A 98 -21.90 8.30 -8.01
CA GLY A 98 -20.80 8.85 -8.77
C GLY A 98 -21.20 9.25 -10.18
N GLY A 99 -22.29 8.65 -10.71
CA GLY A 99 -22.84 9.06 -12.00
C GLY A 99 -23.04 10.56 -12.10
N TRP A 100 -23.39 11.21 -10.99
CA TRP A 100 -23.64 12.64 -11.07
C TRP A 100 -22.38 13.38 -11.43
N ALA A 101 -21.23 13.00 -10.85
CA ALA A 101 -19.96 13.64 -11.21
C ALA A 101 -19.56 13.29 -12.63
N ALA A 102 -19.75 12.03 -13.02
CA ALA A 102 -19.45 11.62 -14.39
C ALA A 102 -20.18 12.49 -15.42
N LEU A 103 -21.46 12.81 -15.16
CA LEU A 103 -22.20 13.64 -16.10
C LEU A 103 -21.74 15.10 -16.05
N GLU A 104 -21.38 15.58 -14.85
CA GLU A 104 -20.80 16.90 -14.76
C GLU A 104 -19.50 16.96 -15.54
N ILE A 105 -18.67 15.92 -15.41
CA ILE A 105 -17.41 15.88 -16.17
C ILE A 105 -17.69 15.86 -17.67
N ALA A 106 -18.67 15.05 -18.10
CA ALA A 106 -19.00 15.02 -19.52
C ALA A 106 -19.43 16.39 -20.01
N ASP A 107 -20.19 17.12 -19.18
CA ASP A 107 -20.70 18.43 -19.60
C ASP A 107 -19.58 19.45 -19.69
N ARG A 108 -18.60 19.35 -18.79
CA ARG A 108 -17.57 20.38 -18.77
C ARG A 108 -16.60 20.26 -19.94
N LEU A 109 -16.34 19.05 -20.42
CA LEU A 109 -15.23 18.82 -21.35
C LEU A 109 -15.67 18.63 -22.79
N GLY A 110 -16.93 18.23 -23.01
CA GLY A 110 -17.46 18.05 -24.34
C GLY A 110 -17.32 16.61 -24.78
N ALA A 111 -17.98 16.32 -25.92
CA ALA A 111 -18.13 14.96 -26.41
C ALA A 111 -16.94 14.46 -27.19
N GLN A 112 -16.00 15.34 -27.58
CA GLN A 112 -14.76 14.89 -28.22
C GLN A 112 -13.77 14.40 -27.17
N ARG A 113 -13.62 15.15 -26.07
CA ARG A 113 -12.76 14.71 -24.96
C ARG A 113 -13.42 13.57 -24.19
N VAL A 114 -14.73 13.62 -23.98
CA VAL A 114 -15.45 12.55 -23.30
C VAL A 114 -16.55 12.03 -24.22
N PRO A 115 -16.25 11.04 -25.07
CA PRO A 115 -17.23 10.56 -26.06
C PRO A 115 -18.24 9.60 -25.50
N ALA A 116 -18.06 9.11 -24.28
CA ALA A 116 -19.04 8.18 -23.74
C ALA A 116 -18.91 8.14 -22.22
N VAL A 117 -19.98 7.65 -21.60
CA VAL A 117 -20.10 7.53 -20.14
C VAL A 117 -20.95 6.32 -19.85
N MET A 118 -20.46 5.43 -18.99
CA MET A 118 -21.25 4.33 -18.44
C MET A 118 -21.59 4.62 -16.99
N ILE A 119 -22.86 4.38 -16.62
CA ILE A 119 -23.34 4.57 -15.25
C ILE A 119 -23.93 3.25 -14.78
N LEU A 120 -23.60 2.88 -13.55
CA LEU A 120 -24.02 1.63 -12.91
C LEU A 120 -25.02 1.95 -11.80
N ASP A 121 -26.27 1.50 -11.98
CA ASP A 121 -27.28 1.40 -10.91
C ASP A 121 -27.57 2.74 -10.23
N LEU A 122 -27.86 3.76 -11.03
CA LEU A 122 -28.21 5.10 -10.56
C LEU A 122 -29.72 5.33 -10.75
N ILE A 123 -30.41 5.71 -9.67
CA ILE A 123 -31.87 5.90 -9.71
C ILE A 123 -32.22 6.97 -10.74
N MET A 124 -32.94 6.58 -11.79
CA MET A 124 -33.19 7.50 -12.89
C MET A 124 -34.51 8.26 -12.73
N THR A 125 -35.41 7.77 -11.89
CA THR A 125 -36.61 8.51 -11.49
C THR A 125 -36.24 9.69 -10.59
N PRO A 126 -37.20 10.56 -10.27
CA PRO A 126 -37.01 11.45 -9.12
C PRO A 126 -36.85 10.64 -7.83
N ALA A 127 -36.18 11.25 -6.85
CA ALA A 127 -35.86 10.55 -5.62
C ALA A 127 -37.12 10.03 -4.94
N PRO A 128 -37.29 8.71 -4.82
CA PRO A 128 -38.37 8.21 -3.96
C PRO A 128 -38.28 8.79 -2.56
N ARG A 129 -39.43 8.91 -1.90
CA ARG A 129 -39.42 9.54 -0.59
C ARG A 129 -38.81 8.63 0.48
N GLU A 130 -38.78 7.32 0.25
CA GLU A 130 -38.06 6.43 1.15
C GLU A 130 -36.57 6.71 1.09
N PHE A 131 -36.04 6.89 -0.12
CA PHE A 131 -34.63 7.22 -0.30
C PHE A 131 -34.29 8.55 0.38
N VAL A 132 -35.09 9.60 0.10
CA VAL A 132 -34.85 10.91 0.72
C VAL A 132 -34.90 10.79 2.24
N ALA A 133 -35.77 9.91 2.74
CA ALA A 133 -35.87 9.65 4.17
C ALA A 133 -34.56 9.09 4.74
N ALA A 134 -33.91 8.18 4.01
CA ALA A 134 -32.64 7.63 4.47
C ALA A 134 -31.49 8.60 4.27
N LEU A 135 -31.52 9.41 3.20
CA LEU A 135 -30.52 10.45 2.99
C LEU A 135 -30.46 11.42 4.16
N HIS A 136 -31.56 11.57 4.89
CA HIS A 136 -31.60 12.40 6.08
C HIS A 136 -31.18 11.61 7.32
N GLY A 137 -31.56 10.33 7.38
CA GLY A 137 -31.17 9.52 8.51
C GLY A 137 -29.66 9.39 8.66
N ILE A 138 -28.94 9.34 7.54
CA ILE A 138 -27.48 9.26 7.64
C ILE A 138 -26.84 10.61 7.92
N GLN A 139 -27.62 11.70 7.89
CA GLN A 139 -27.15 12.99 8.39
C GLN A 139 -27.45 13.19 9.88
N ASP A 140 -27.93 12.16 10.55
CA ASP A 140 -28.30 12.23 11.95
C ASP A 140 -27.17 11.66 12.80
N PRO A 141 -26.52 12.46 13.64
CA PRO A 141 -25.37 11.95 14.40
C PRO A 141 -25.67 10.72 15.25
N GLU A 142 -26.92 10.56 15.71
CA GLU A 142 -27.27 9.46 16.60
C GLU A 142 -27.79 8.22 15.87
N ARG A 143 -28.14 8.32 14.59
CA ARG A 143 -28.75 7.19 13.90
C ARG A 143 -28.14 6.94 12.52
N TRP A 144 -27.06 7.62 12.16
CA TRP A 144 -26.52 7.45 10.81
C TRP A 144 -26.16 5.99 10.53
N LYS A 145 -25.64 5.28 11.53
CA LYS A 145 -25.35 3.86 11.32
C LYS A 145 -26.62 3.08 10.99
N GLU A 146 -27.74 3.44 11.62
CA GLU A 146 -29.02 2.82 11.27
C GLU A 146 -29.33 3.03 9.80
N GLY A 147 -29.27 4.29 9.35
CA GLY A 147 -29.51 4.57 7.95
C GLY A 147 -28.57 3.81 7.03
N ARG A 148 -27.31 3.65 7.44
CA ARG A 148 -26.34 2.96 6.59
C ARG A 148 -26.68 1.47 6.47
N ASP A 149 -26.87 0.78 7.60
CA ASP A 149 -27.26 -0.63 7.55
C ASP A 149 -28.53 -0.83 6.72
N GLY A 150 -29.48 0.12 6.82
CA GLY A 150 -30.70 0.01 6.03
C GLY A 150 -30.43 0.11 4.53
N LEU A 151 -29.63 1.10 4.11
CA LEU A 151 -29.30 1.21 2.70
C LEU A 151 -28.55 -0.03 2.22
N VAL A 152 -27.65 -0.56 3.06
CA VAL A 152 -26.83 -1.70 2.68
C VAL A 152 -27.67 -2.96 2.49
N GLN A 153 -28.56 -3.25 3.45
CA GLN A 153 -29.37 -4.46 3.34
C GLN A 153 -30.20 -4.47 2.06
N SER A 154 -30.73 -3.30 1.65
CA SER A 154 -31.48 -3.25 0.38
C SER A 154 -30.56 -3.31 -0.84
N TRP A 155 -29.30 -2.87 -0.69
CA TRP A 155 -28.30 -3.01 -1.75
C TRP A 155 -27.90 -4.47 -1.96
N LEU A 156 -27.81 -5.24 -0.88
CA LEU A 156 -27.47 -6.67 -0.97
C LEU A 156 -28.65 -7.49 -1.47
N ALA A 157 -29.87 -7.15 -1.03
CA ALA A 157 -31.08 -7.87 -1.43
C ALA A 157 -30.95 -9.36 -1.15
N GLY A 158 -30.28 -9.69 -0.04
CA GLY A 158 -30.02 -11.08 0.27
C GLY A 158 -29.27 -11.83 -0.84
N THR A 159 -28.12 -11.32 -1.26
CA THR A 159 -27.23 -12.00 -2.19
C THR A 159 -26.26 -12.93 -1.44
N THR A 160 -25.69 -13.90 -2.16
CA THR A 160 -24.59 -14.71 -1.65
C THR A 160 -23.30 -14.50 -2.44
N ASN A 161 -23.26 -13.52 -3.34
CA ASN A 161 -22.05 -13.21 -4.10
C ASN A 161 -20.90 -12.79 -3.18
N GLN A 162 -19.85 -13.60 -3.11
CA GLN A 162 -18.76 -13.35 -2.16
C GLN A 162 -18.04 -12.03 -2.45
N ALA A 163 -17.90 -11.65 -3.72
CA ALA A 163 -17.28 -10.36 -4.06
C ALA A 163 -18.08 -9.21 -3.46
N VAL A 164 -19.40 -9.20 -3.66
CA VAL A 164 -20.22 -8.11 -3.16
C VAL A 164 -20.25 -8.11 -1.63
N LEU A 165 -20.47 -9.29 -1.04
CA LEU A 165 -20.45 -9.39 0.42
C LEU A 165 -19.12 -8.91 0.99
N ASP A 166 -18.00 -9.44 0.49
CA ASP A 166 -16.70 -9.06 1.01
C ASP A 166 -16.47 -7.56 0.88
N HIS A 167 -16.88 -6.97 -0.24
CA HIS A 167 -16.64 -5.55 -0.48
C HIS A 167 -17.40 -4.69 0.51
N VAL A 168 -18.65 -5.07 0.82
CA VAL A 168 -19.48 -4.30 1.73
C VAL A 168 -19.06 -4.50 3.18
N ARG A 169 -18.80 -5.76 3.57
CA ARG A 169 -18.46 -6.09 4.94
C ARG A 169 -17.04 -5.67 5.32
N TYR A 170 -16.11 -5.76 4.38
CA TYR A 170 -14.68 -5.75 4.70
C TYR A 170 -13.85 -4.68 3.99
N ASP A 171 -14.26 -4.23 2.81
CA ASP A 171 -13.38 -3.43 1.97
C ASP A 171 -13.79 -1.97 1.90
N SER A 172 -14.74 -1.56 2.72
CA SER A 172 -15.21 -0.18 2.70
C SER A 172 -15.20 0.42 4.10
N GLY A 173 -14.22 0.06 4.92
CA GLY A 173 -14.13 0.55 6.29
C GLY A 173 -13.49 1.93 6.37
N GLY A 174 -13.39 2.44 7.59
CA GLY A 174 -12.70 3.70 7.83
C GLY A 174 -13.43 4.96 7.43
N HIS A 175 -14.74 4.89 7.23
CA HIS A 175 -15.57 6.07 7.02
C HIS A 175 -16.59 6.10 8.16
N GLY A 176 -17.14 7.27 8.42
CA GLY A 176 -18.07 7.42 9.53
C GLY A 176 -19.12 8.45 9.24
N PHE A 177 -19.57 9.13 10.30
CA PHE A 177 -20.68 10.06 10.17
C PHE A 177 -20.34 11.18 9.20
N ASP A 178 -19.12 11.74 9.27
CA ASP A 178 -18.77 12.85 8.38
C ASP A 178 -19.05 12.52 6.90
N MET A 179 -18.58 11.37 6.43
CA MET A 179 -18.70 11.11 4.99
C MET A 179 -20.09 10.64 4.64
N TRP A 180 -20.71 9.83 5.49
CA TRP A 180 -22.08 9.39 5.25
C TRP A 180 -23.08 10.55 5.31
N ALA A 181 -22.92 11.46 6.27
CA ALA A 181 -23.75 12.67 6.28
C ALA A 181 -23.53 13.47 5.00
N ARG A 182 -22.28 13.61 4.55
CA ARG A 182 -22.03 14.41 3.34
C ARG A 182 -22.66 13.77 2.11
N ALA A 183 -22.59 12.44 2.00
CA ALA A 183 -23.26 11.74 0.91
C ALA A 183 -24.75 12.05 0.91
N GLY A 184 -25.38 11.98 2.08
CA GLY A 184 -26.78 12.33 2.24
C GLY A 184 -27.09 13.67 1.64
N ARG A 185 -26.38 14.70 2.10
CA ARG A 185 -26.53 16.05 1.60
C ARG A 185 -26.40 16.12 0.09
N VAL A 186 -25.30 15.58 -0.44
CA VAL A 186 -24.95 15.81 -1.83
C VAL A 186 -25.96 15.12 -2.74
N ILE A 187 -26.28 13.86 -2.44
CA ILE A 187 -27.30 13.12 -3.19
C ILE A 187 -28.66 13.82 -3.06
N ASP A 188 -29.11 14.05 -1.82
CA ASP A 188 -30.38 14.74 -1.62
C ASP A 188 -30.44 16.00 -2.45
N GLU A 189 -29.37 16.78 -2.46
CA GLU A 189 -29.38 18.05 -3.18
C GLU A 189 -29.40 17.83 -4.69
N ALA A 190 -28.71 16.79 -5.18
CA ALA A 190 -28.67 16.54 -6.61
C ALA A 190 -30.08 16.27 -7.16
N TYR A 191 -30.86 15.47 -6.45
CA TYR A 191 -32.23 15.20 -6.90
C TYR A 191 -33.15 16.41 -6.73
N ARG A 192 -32.88 17.27 -5.74
CA ARG A 192 -33.67 18.49 -5.60
C ARG A 192 -33.36 19.51 -6.68
N THR A 193 -32.12 19.54 -7.16
CA THR A 193 -31.71 20.52 -8.15
C THR A 193 -32.21 20.15 -9.54
N TRP A 194 -31.94 18.91 -9.95
CA TRP A 194 -32.14 18.44 -11.31
C TRP A 194 -33.46 17.72 -11.50
N GLY A 195 -34.06 17.24 -10.42
CA GLY A 195 -35.23 16.40 -10.45
C GLY A 195 -34.86 14.95 -10.54
N SER A 196 -34.08 14.61 -11.56
CA SER A 196 -33.62 13.25 -11.75
C SER A 196 -32.38 13.28 -12.64
N PRO A 197 -31.62 12.19 -12.68
CA PRO A 197 -30.44 12.16 -13.58
C PRO A 197 -30.80 12.26 -15.06
N MET A 198 -31.95 11.73 -15.47
CA MET A 198 -32.37 11.85 -16.87
C MET A 198 -32.58 13.31 -17.25
N ARG A 199 -33.20 14.09 -16.37
CA ARG A 199 -33.33 15.52 -16.63
C ARG A 199 -31.96 16.19 -16.65
N ARG A 200 -31.05 15.76 -15.75
CA ARG A 200 -29.69 16.27 -15.84
C ARG A 200 -29.10 15.96 -17.21
N MET A 201 -29.31 14.74 -17.72
CA MET A 201 -28.76 14.35 -19.03
C MET A 201 -29.33 15.20 -20.17
N GLU A 202 -30.65 15.48 -20.14
CA GLU A 202 -31.25 16.29 -21.19
C GLU A 202 -30.75 17.72 -21.16
N ALA A 203 -30.22 18.18 -20.02
CA ALA A 203 -29.63 19.50 -19.95
C ALA A 203 -28.21 19.56 -20.50
N LEU A 204 -27.65 18.45 -20.98
CA LEU A 204 -26.28 18.46 -21.49
C LEU A 204 -26.21 19.23 -22.79
N ALA A 205 -25.26 20.19 -22.86
CA ALA A 205 -24.98 20.96 -24.07
C ALA A 205 -24.93 20.08 -25.32
N GLU A 206 -23.89 19.24 -25.44
CA GLU A 206 -23.77 18.29 -26.54
C GLU A 206 -23.65 16.89 -25.95
N PRO A 207 -24.77 16.16 -25.81
CA PRO A 207 -24.71 14.85 -25.14
C PRO A 207 -23.77 13.89 -25.85
N CYS A 208 -22.79 13.38 -25.11
CA CYS A 208 -22.03 12.22 -25.55
C CYS A 208 -22.92 10.96 -25.43
N ALA A 209 -22.39 9.82 -25.88
CA ALA A 209 -23.09 8.55 -25.72
C ALA A 209 -23.12 8.15 -24.26
N ILE A 210 -24.30 7.88 -23.74
CA ILE A 210 -24.46 7.51 -22.34
C ILE A 210 -25.14 6.17 -22.26
N ARG A 211 -24.67 5.31 -21.36
CA ARG A 211 -25.26 4.00 -21.15
C ARG A 211 -25.44 3.78 -19.66
N HIS A 212 -26.67 3.48 -19.26
CA HIS A 212 -26.97 3.07 -17.89
C HIS A 212 -27.13 1.56 -17.86
N VAL A 213 -26.38 0.92 -16.98
CA VAL A 213 -26.44 -0.52 -16.74
C VAL A 213 -26.81 -0.70 -15.29
N PHE A 214 -27.76 -1.59 -15.02
CA PHE A 214 -28.32 -1.67 -13.68
C PHE A 214 -28.94 -3.04 -13.50
N SER A 215 -29.21 -3.38 -12.23
CA SER A 215 -29.89 -4.61 -11.85
C SER A 215 -31.01 -4.41 -10.87
N HIS A 216 -31.01 -3.35 -10.12
CA HIS A 216 -31.99 -3.21 -9.06
C HIS A 216 -33.11 -2.36 -9.58
N PRO A 217 -32.85 -1.07 -9.74
CA PRO A 217 -33.89 -0.07 -9.53
C PRO A 217 -35.31 -0.60 -9.37
N LYS A 218 -35.73 -1.59 -10.18
CA LYS A 218 -37.12 -2.05 -10.09
C LYS A 218 -37.35 -3.44 -10.70
N ILE A 219 -38.07 -3.49 -11.82
CA ILE A 219 -38.69 -4.73 -12.29
C ILE A 219 -38.82 -4.75 -13.83
N GLY A 220 -39.67 -3.91 -14.45
CA GLY A 220 -40.48 -2.85 -13.85
C GLY A 220 -40.88 -1.79 -14.90
N GLU A 221 -41.79 -0.88 -14.54
CA GLU A 221 -42.00 0.31 -15.37
C GLU A 221 -40.80 1.25 -15.36
N TYR A 222 -39.87 1.07 -14.42
CA TYR A 222 -38.55 1.69 -14.51
C TYR A 222 -37.95 1.46 -15.90
N ASP A 223 -38.10 0.24 -16.44
CA ASP A 223 -37.62 -0.10 -17.77
C ASP A 223 -38.28 0.75 -18.85
N ALA A 224 -39.61 0.92 -18.80
CA ALA A 224 -40.29 1.66 -19.86
C ALA A 224 -39.87 3.11 -19.85
N LEU A 225 -39.50 3.64 -18.68
CA LEU A 225 -38.96 4.99 -18.64
C LEU A 225 -37.66 5.06 -19.45
N HIS A 226 -36.86 4.00 -19.42
CA HIS A 226 -35.61 3.95 -20.18
C HIS A 226 -35.87 3.84 -21.68
N ASP A 227 -36.63 2.81 -22.09
CA ASP A 227 -37.11 2.71 -23.47
C ASP A 227 -37.58 4.06 -23.97
N ASP A 228 -38.45 4.68 -23.18
CA ASP A 228 -38.97 6.01 -23.47
C ASP A 228 -37.85 7.01 -23.64
N PHE A 229 -36.91 7.02 -22.69
CA PHE A 229 -35.78 7.93 -22.80
C PHE A 229 -34.91 7.55 -23.99
N ALA A 230 -34.68 6.25 -24.21
CA ALA A 230 -33.84 5.81 -25.31
C ALA A 230 -34.47 6.10 -26.66
N ALA A 231 -35.81 6.01 -26.75
CA ALA A 231 -36.50 6.36 -28.00
C ALA A 231 -36.41 7.84 -28.32
N ARG A 232 -36.39 8.71 -27.31
CA ARG A 232 -36.30 10.15 -27.53
C ARG A 232 -34.89 10.59 -27.93
N HIS A 233 -33.88 9.87 -27.47
CA HIS A 233 -32.50 10.35 -27.52
C HIS A 233 -31.61 9.26 -28.10
N PRO A 234 -31.14 9.42 -29.34
CA PRO A 234 -30.23 8.41 -29.92
C PRO A 234 -29.01 8.13 -29.06
N TRP A 235 -28.47 9.13 -28.36
CA TRP A 235 -27.21 8.95 -27.64
C TRP A 235 -27.34 8.12 -26.36
N PHE A 236 -28.55 7.80 -25.94
CA PHE A 236 -28.76 7.05 -24.72
C PHE A 236 -29.06 5.60 -25.05
N SER A 237 -28.49 4.71 -24.26
CA SER A 237 -28.78 3.29 -24.29
C SER A 237 -28.71 2.80 -22.87
N TYR A 238 -29.10 1.55 -22.67
CA TYR A 238 -29.23 1.01 -21.33
C TYR A 238 -29.36 -0.51 -21.44
N ARG A 239 -29.27 -1.15 -20.28
CA ARG A 239 -29.25 -2.60 -20.22
C ARG A 239 -29.50 -3.06 -18.78
N ARG A 240 -30.69 -3.60 -18.52
CA ARG A 240 -30.95 -4.28 -17.27
C ARG A 240 -30.19 -5.60 -17.24
N LEU A 241 -29.63 -5.93 -16.08
CA LEU A 241 -28.58 -6.94 -16.00
C LEU A 241 -28.95 -8.19 -15.20
N GLY A 242 -30.01 -8.17 -14.39
CA GLY A 242 -30.40 -9.40 -13.74
C GLY A 242 -29.52 -9.83 -12.58
N GLY A 243 -28.78 -8.88 -11.97
CA GLY A 243 -28.06 -9.21 -10.76
C GLY A 243 -28.93 -9.05 -9.54
N GLU A 244 -28.47 -9.61 -8.42
CA GLU A 244 -29.22 -9.48 -7.18
C GLU A 244 -28.99 -8.15 -6.48
N THR A 245 -27.92 -7.42 -6.84
CA THR A 245 -27.40 -6.39 -5.97
C THR A 245 -27.31 -5.06 -6.71
N HIS A 246 -27.14 -4.02 -5.92
CA HIS A 246 -26.84 -2.65 -6.33
C HIS A 246 -25.43 -2.53 -6.89
N PHE A 247 -24.66 -3.62 -6.95
CA PHE A 247 -23.23 -3.57 -7.30
C PHE A 247 -22.96 -4.41 -8.55
N PRO A 248 -23.47 -3.99 -9.71
CA PRO A 248 -23.25 -4.81 -10.91
C PRO A 248 -21.78 -4.93 -11.30
N GLY A 249 -21.01 -3.84 -11.14
CA GLY A 249 -19.57 -3.89 -11.43
C GLY A 249 -18.79 -4.89 -10.59
N ILE A 250 -19.29 -5.21 -9.39
CA ILE A 250 -18.64 -6.19 -8.52
C ILE A 250 -19.29 -7.54 -8.64
N GLU A 251 -20.62 -7.56 -8.76
CA GLU A 251 -21.34 -8.83 -8.85
C GLU A 251 -21.10 -9.47 -10.22
N LEU A 252 -21.02 -8.65 -11.27
CA LEU A 252 -20.90 -9.13 -12.66
C LEU A 252 -19.78 -8.39 -13.39
N PRO A 253 -18.54 -8.53 -12.93
CA PRO A 253 -17.45 -7.71 -13.50
C PRO A 253 -17.21 -7.94 -14.99
N GLN A 254 -17.18 -9.19 -15.46
CA GLN A 254 -16.91 -9.40 -16.88
C GLN A 254 -18.01 -8.79 -17.76
N GLN A 255 -19.27 -9.05 -17.40
CA GLN A 255 -20.38 -8.53 -18.19
C GLN A 255 -20.34 -7.02 -18.25
N VAL A 256 -20.08 -6.36 -17.12
CA VAL A 256 -20.09 -4.91 -17.14
C VAL A 256 -18.90 -4.40 -17.92
N ALA A 257 -17.75 -5.08 -17.77
CA ALA A 257 -16.57 -4.68 -18.53
C ALA A 257 -16.86 -4.81 -20.02
N ALA A 258 -17.40 -5.97 -20.41
CA ALA A 258 -17.90 -6.17 -21.76
C ALA A 258 -18.76 -4.99 -22.23
N GLU A 259 -19.70 -4.53 -21.38
CA GLU A 259 -20.57 -3.43 -21.77
C GLU A 259 -19.77 -2.16 -22.03
N ALA A 260 -18.80 -1.85 -21.17
CA ALA A 260 -17.97 -0.67 -21.35
C ALA A 260 -17.16 -0.75 -22.63
N ILE A 261 -16.58 -1.92 -22.92
CA ILE A 261 -15.78 -2.06 -24.13
C ILE A 261 -16.68 -1.85 -25.36
N ASP A 262 -17.85 -2.49 -25.35
CA ASP A 262 -18.83 -2.27 -26.42
C ASP A 262 -19.20 -0.78 -26.57
N LEU A 263 -19.54 -0.14 -25.46
CA LEU A 263 -19.87 1.29 -25.49
C LEU A 263 -18.75 2.10 -26.14
N LEU A 264 -17.50 1.83 -25.72
CA LEU A 264 -16.35 2.54 -26.27
C LEU A 264 -16.24 2.29 -27.77
N ALA A 265 -16.38 1.02 -28.17
CA ALA A 265 -16.23 0.67 -29.58
C ALA A 265 -17.21 1.46 -30.44
N GLY A 266 -18.47 1.54 -29.99
CA GLY A 266 -19.49 2.27 -30.73
C GLY A 266 -19.15 3.73 -30.96
N ALA A 267 -18.37 4.32 -30.08
CA ALA A 267 -18.22 5.79 -30.10
C ALA A 267 -16.81 6.22 -30.53
N ILE B 2 -4.32 -0.04 3.58
CA ILE B 2 -4.02 0.61 4.87
C ILE B 2 -4.35 2.10 4.79
N THR B 3 -5.13 2.54 5.80
CA THR B 3 -5.61 3.91 5.95
C THR B 3 -4.94 4.57 7.14
N THR B 4 -4.95 5.88 7.14
CA THR B 4 -4.35 6.66 8.21
C THR B 4 -5.32 7.74 8.69
N LYS B 5 -5.18 8.12 9.96
CA LYS B 5 -5.79 9.31 10.51
C LYS B 5 -4.77 10.02 11.40
N THR B 6 -4.85 11.35 11.47
CA THR B 6 -4.11 12.11 12.47
C THR B 6 -4.89 12.08 13.79
N VAL B 7 -4.23 11.60 14.83
CA VAL B 7 -4.77 11.53 16.20
C VAL B 7 -3.68 12.07 17.13
N ASN B 8 -4.02 13.09 17.93
CA ASN B 8 -3.05 13.68 18.86
C ASN B 8 -1.81 14.19 18.15
N GLY B 9 -2.01 14.74 16.96
CA GLY B 9 -0.91 15.32 16.21
C GLY B 9 0.00 14.32 15.52
N VAL B 10 -0.31 13.01 15.56
CA VAL B 10 0.53 12.02 14.90
C VAL B 10 -0.30 11.13 14.00
N GLN B 11 0.36 10.53 13.02
CA GLN B 11 -0.34 9.69 12.03
C GLN B 11 -0.50 8.27 12.55
N ILE B 12 -1.75 7.81 12.68
CA ILE B 12 -2.03 6.47 13.15
C ILE B 12 -2.62 5.69 11.97
N ALA B 13 -1.87 4.70 11.55
CA ALA B 13 -2.29 3.83 10.49
C ALA B 13 -3.14 2.71 11.08
N PHE B 14 -4.14 2.27 10.32
CA PHE B 14 -5.07 1.26 10.84
C PHE B 14 -5.74 0.59 9.64
N ASP B 15 -6.51 -0.46 9.91
CA ASP B 15 -7.56 -0.77 8.97
C ASP B 15 -8.75 -1.31 9.74
N ASP B 16 -9.90 -1.27 9.08
CA ASP B 16 -11.20 -1.38 9.72
C ASP B 16 -12.06 -2.33 8.87
N GLN B 17 -12.34 -3.54 9.39
CA GLN B 17 -13.02 -4.57 8.61
C GLN B 17 -14.07 -5.29 9.47
N GLY B 18 -15.25 -5.45 8.91
CA GLY B 18 -16.31 -6.21 9.57
C GLY B 18 -17.47 -5.30 9.99
N HIS B 19 -18.62 -5.94 10.23
CA HIS B 19 -19.80 -5.17 10.64
C HIS B 19 -20.70 -5.90 11.65
N GLU B 20 -20.40 -7.15 12.01
CA GLU B 20 -21.13 -7.85 13.05
C GLU B 20 -21.28 -6.96 14.29
N PRO B 21 -22.42 -7.01 15.00
CA PRO B 21 -22.59 -6.17 16.18
C PRO B 21 -21.93 -6.78 17.42
N GLY B 22 -21.75 -5.92 18.43
CA GLY B 22 -21.13 -6.31 19.66
C GLY B 22 -19.78 -5.63 19.84
N PRO B 23 -18.96 -6.14 20.76
CA PRO B 23 -17.61 -5.57 20.93
C PRO B 23 -16.75 -5.73 19.67
N VAL B 24 -16.00 -4.63 19.36
CA VAL B 24 -14.98 -4.59 18.31
C VAL B 24 -13.69 -5.25 18.79
N PHE B 25 -13.10 -6.08 17.95
CA PHE B 25 -11.74 -6.54 18.19
C PHE B 25 -10.79 -5.40 17.79
N VAL B 26 -9.78 -5.15 18.62
CA VAL B 26 -8.74 -4.17 18.33
C VAL B 26 -7.39 -4.86 18.49
N THR B 27 -6.61 -4.95 17.41
CA THR B 27 -5.32 -5.63 17.45
C THR B 27 -4.21 -4.61 17.69
N LEU B 28 -3.25 -4.98 18.53
CA LEU B 28 -2.12 -4.15 18.90
C LEU B 28 -0.88 -5.01 18.76
N SER B 29 0.05 -4.55 17.95
CA SER B 29 1.25 -5.30 17.65
C SER B 29 2.36 -5.01 18.67
N GLY B 30 3.44 -5.75 18.55
CA GLY B 30 4.57 -5.48 19.40
C GLY B 30 5.40 -4.33 18.82
N TRP B 31 6.46 -3.98 19.53
CA TRP B 31 7.38 -2.96 19.05
C TRP B 31 7.98 -3.34 17.70
N ALA B 32 8.11 -2.35 16.85
CA ALA B 32 8.75 -2.44 15.55
C ALA B 32 7.93 -3.22 14.53
N HIS B 33 6.70 -3.58 14.86
CA HIS B 33 5.80 -4.27 13.95
C HIS B 33 4.58 -3.43 13.68
N ASP B 34 3.86 -3.81 12.63
CA ASP B 34 2.63 -3.14 12.27
C ASP B 34 1.51 -4.16 12.18
N LEU B 35 0.47 -3.82 11.41
CA LEU B 35 -0.76 -4.62 11.28
C LEU B 35 -0.52 -6.03 10.78
N ARG B 36 0.52 -6.21 9.96
CA ARG B 36 0.82 -7.52 9.39
C ARG B 36 0.98 -8.58 10.46
N ALA B 37 1.32 -8.19 11.68
CA ALA B 37 1.35 -9.15 12.75
C ALA B 37 0.02 -9.92 12.87
N TYR B 38 -1.07 -9.35 12.35
CA TYR B 38 -2.37 -10.00 12.46
C TYR B 38 -2.95 -10.43 11.12
N ASP B 39 -2.16 -10.47 10.05
CA ASP B 39 -2.67 -10.96 8.78
C ASP B 39 -3.29 -12.35 8.95
N GLY B 40 -2.66 -13.21 9.75
CA GLY B 40 -3.09 -14.59 9.88
C GLY B 40 -4.40 -14.76 10.64
N MET B 41 -4.57 -14.03 11.76
CA MET B 41 -5.82 -14.07 12.53
C MET B 41 -6.94 -13.26 11.89
N LEU B 42 -6.62 -12.30 11.02
CA LEU B 42 -7.63 -11.36 10.56
C LEU B 42 -8.83 -12.04 9.91
N PRO B 43 -8.66 -13.03 9.04
CA PRO B 43 -9.84 -13.72 8.48
C PRO B 43 -10.80 -14.24 9.55
N TYR B 44 -10.29 -14.87 10.60
CA TYR B 44 -11.14 -15.35 11.67
C TYR B 44 -11.73 -14.20 12.48
N LEU B 45 -10.94 -13.16 12.80
CA LEU B 45 -11.46 -12.08 13.65
C LEU B 45 -12.57 -11.30 12.95
N ARG B 46 -12.38 -10.97 11.68
CA ARG B 46 -13.29 -10.06 11.00
C ARG B 46 -14.60 -10.75 10.65
N ALA B 47 -14.58 -12.07 10.50
CA ALA B 47 -15.84 -12.80 10.35
C ALA B 47 -16.67 -12.74 11.63
N ALA B 48 -16.01 -12.69 12.81
CA ALA B 48 -16.72 -12.75 14.09
C ALA B 48 -17.22 -11.38 14.54
N GLN B 49 -16.40 -10.34 14.39
CA GLN B 49 -16.73 -9.01 14.87
C GLN B 49 -16.09 -7.98 13.94
N ARG B 50 -16.58 -6.74 14.03
CA ARG B 50 -15.81 -5.63 13.51
C ARG B 50 -14.42 -5.66 14.13
N THR B 51 -13.40 -5.48 13.29
CA THR B 51 -12.00 -5.61 13.69
C THR B 51 -11.22 -4.40 13.19
N VAL B 52 -10.56 -3.71 14.12
CA VAL B 52 -9.70 -2.56 13.82
C VAL B 52 -8.29 -2.98 14.19
N ARG B 53 -7.41 -3.07 13.20
CA ARG B 53 -6.01 -3.31 13.45
C ARG B 53 -5.33 -1.96 13.56
N VAL B 54 -4.60 -1.73 14.66
CA VAL B 54 -4.03 -0.42 14.97
C VAL B 54 -2.50 -0.51 14.99
N CYS B 55 -1.84 0.48 14.37
CA CYS B 55 -0.40 0.66 14.48
C CYS B 55 -0.10 1.71 15.57
N TRP B 56 1.05 1.56 16.20
CA TRP B 56 1.54 2.60 17.07
C TRP B 56 2.00 3.81 16.26
N ARG B 57 2.09 4.95 16.93
CA ARG B 57 2.67 6.10 16.26
C ARG B 57 4.10 5.76 15.82
N GLY B 58 4.49 6.29 14.64
CA GLY B 58 5.78 6.06 14.02
C GLY B 58 5.97 4.70 13.38
N HIS B 59 4.97 3.82 13.47
CA HIS B 59 5.07 2.44 13.04
C HIS B 59 4.34 2.18 11.75
N GLY B 60 3.56 3.16 11.26
CA GLY B 60 2.82 3.04 10.01
C GLY B 60 3.73 3.23 8.81
N PRO B 61 3.13 3.38 7.61
CA PRO B 61 3.92 3.66 6.40
C PRO B 61 4.88 4.83 6.53
N ASP B 62 4.49 5.89 7.25
CA ASP B 62 5.36 7.06 7.38
C ASP B 62 6.37 6.78 8.47
N ARG B 63 7.64 6.69 8.10
CA ARG B 63 8.68 6.31 9.06
C ARG B 63 9.54 7.50 9.43
N ASN B 64 9.06 8.71 9.20
CA ASN B 64 9.72 9.85 9.81
C ASN B 64 9.67 9.68 11.34
N LEU B 65 10.57 10.36 12.03
CA LEU B 65 10.66 10.20 13.48
C LEU B 65 9.53 10.97 14.12
N VAL B 66 8.93 10.39 15.19
CA VAL B 66 7.82 11.01 15.91
C VAL B 66 8.31 11.46 17.29
N GLY B 67 7.55 12.36 17.89
CA GLY B 67 7.86 12.80 19.23
C GLY B 67 8.02 11.63 20.18
N ASP B 68 9.00 11.72 21.07
CA ASP B 68 9.24 10.65 22.03
C ASP B 68 7.95 10.31 22.77
N PHE B 69 7.78 9.03 23.09
CA PHE B 69 6.50 8.53 23.59
C PHE B 69 6.72 7.23 24.34
N GLY B 70 5.72 6.90 25.14
CA GLY B 70 5.70 5.65 25.83
C GLY B 70 4.30 5.06 25.88
N ILE B 71 4.05 4.28 26.93
CA ILE B 71 2.76 3.58 27.06
C ILE B 71 1.59 4.56 27.09
N ASP B 72 1.75 5.68 27.82
CA ASP B 72 0.67 6.65 27.93
C ASP B 72 0.19 7.11 26.55
N GLU B 73 1.13 7.44 25.65
CA GLU B 73 0.76 7.90 24.32
C GLU B 73 0.21 6.76 23.47
N MET B 74 0.81 5.58 23.58
CA MET B 74 0.31 4.43 22.85
C MET B 74 -1.14 4.17 23.23
N ALA B 75 -1.46 4.30 24.52
CA ALA B 75 -2.85 4.15 24.98
C ALA B 75 -3.72 5.27 24.45
N ALA B 76 -3.25 6.52 24.55
CA ALA B 76 -4.11 7.64 24.16
C ALA B 76 -4.28 7.73 22.64
N ASP B 77 -3.26 7.38 21.87
CA ASP B 77 -3.42 7.41 20.42
C ASP B 77 -4.47 6.40 19.99
N THR B 78 -4.45 5.21 20.61
CA THR B 78 -5.36 4.17 20.21
C THR B 78 -6.79 4.53 20.61
N ILE B 79 -6.97 5.03 21.83
CA ILE B 79 -8.30 5.48 22.25
C ILE B 79 -8.80 6.56 21.30
N GLY B 80 -7.93 7.51 20.96
CA GLY B 80 -8.34 8.60 20.10
C GLY B 80 -8.78 8.13 18.73
N LEU B 81 -8.08 7.14 18.18
CA LEU B 81 -8.47 6.59 16.90
C LEU B 81 -9.83 5.93 17.01
N LEU B 82 -10.00 5.08 18.01
CA LEU B 82 -11.24 4.32 18.14
C LEU B 82 -12.43 5.24 18.34
N ASP B 83 -12.24 6.35 19.06
CA ASP B 83 -13.29 7.37 19.18
C ASP B 83 -13.61 8.00 17.83
N ALA B 84 -12.59 8.35 17.05
CA ALA B 84 -12.80 8.86 15.70
C ALA B 84 -13.53 7.86 14.79
N LEU B 85 -13.33 6.56 15.03
CA LEU B 85 -14.01 5.47 14.29
C LEU B 85 -15.33 5.04 14.93
N GLU B 86 -15.78 5.75 15.97
CA GLU B 86 -17.04 5.48 16.65
C GLU B 86 -17.12 4.04 17.15
N VAL B 87 -16.00 3.53 17.67
CA VAL B 87 -15.98 2.24 18.34
C VAL B 87 -16.41 2.49 19.78
N ASP B 88 -17.29 1.62 20.28
CA ASP B 88 -17.72 1.69 21.67
C ASP B 88 -16.95 0.61 22.43
N SER B 89 -17.61 -0.45 22.85
CA SER B 89 -16.91 -1.47 23.62
C SER B 89 -15.97 -2.24 22.71
N PHE B 90 -14.84 -2.69 23.26
CA PHE B 90 -13.87 -3.38 22.43
C PHE B 90 -12.99 -4.25 23.30
N VAL B 91 -12.35 -5.21 22.65
CA VAL B 91 -11.53 -6.23 23.28
C VAL B 91 -10.17 -6.18 22.64
N PRO B 92 -9.19 -5.58 23.31
CA PRO B 92 -7.84 -5.53 22.75
C PRO B 92 -7.24 -6.92 22.65
N ILE B 93 -6.56 -7.16 21.53
CA ILE B 93 -5.68 -8.31 21.38
C ILE B 93 -4.29 -7.74 21.15
N ALA B 94 -3.33 -8.08 22.02
CA ALA B 94 -2.08 -7.35 22.05
C ALA B 94 -0.92 -8.33 22.14
N HIS B 95 0.06 -8.15 21.26
CA HIS B 95 1.20 -9.02 21.22
C HIS B 95 2.30 -8.54 22.16
N ALA B 96 2.88 -9.46 22.94
CA ALA B 96 4.00 -9.23 23.85
C ALA B 96 3.88 -7.87 24.57
N HIS B 97 4.87 -7.00 24.43
CA HIS B 97 4.89 -5.78 25.22
C HIS B 97 3.93 -4.73 24.69
N GLY B 98 3.24 -5.00 23.59
CA GLY B 98 2.03 -4.23 23.36
C GLY B 98 1.01 -4.48 24.44
N GLY B 99 1.17 -5.55 25.20
CA GLY B 99 0.22 -5.85 26.26
C GLY B 99 0.18 -4.78 27.34
N TRP B 100 1.31 -4.12 27.58
CA TRP B 100 1.34 -3.05 28.57
C TRP B 100 0.38 -1.95 28.16
N ALA B 101 0.36 -1.59 26.87
CA ALA B 101 -0.54 -0.55 26.44
C ALA B 101 -1.99 -1.02 26.48
N ALA B 102 -2.24 -2.30 26.18
CA ALA B 102 -3.60 -2.82 26.26
C ALA B 102 -4.11 -2.75 27.71
N LEU B 103 -3.28 -3.12 28.67
CA LEU B 103 -3.70 -3.01 30.07
C LEU B 103 -3.94 -1.57 30.46
N GLU B 104 -3.09 -0.64 30.00
CA GLU B 104 -3.32 0.77 30.29
C GLU B 104 -4.62 1.26 29.69
N ILE B 105 -4.91 0.85 28.44
CA ILE B 105 -6.16 1.24 27.81
C ILE B 105 -7.34 0.74 28.63
N ALA B 106 -7.25 -0.51 29.09
CA ALA B 106 -8.32 -1.11 29.88
C ALA B 106 -8.50 -0.36 31.20
N ASP B 107 -7.38 -0.09 31.87
CA ASP B 107 -7.41 0.67 33.11
C ASP B 107 -8.10 2.01 32.89
N ARG B 108 -7.77 2.69 31.80
CA ARG B 108 -8.27 4.05 31.61
C ARG B 108 -9.74 4.07 31.33
N LEU B 109 -10.23 3.07 30.62
CA LEU B 109 -11.58 3.15 30.10
C LEU B 109 -12.58 2.37 30.94
N GLY B 110 -12.12 1.45 31.77
CA GLY B 110 -13.03 0.68 32.60
C GLY B 110 -13.60 -0.52 31.89
N ALA B 111 -14.13 -1.44 32.71
CA ALA B 111 -14.51 -2.79 32.30
C ALA B 111 -15.82 -2.86 31.51
N GLN B 112 -16.56 -1.76 31.40
CA GLN B 112 -17.73 -1.75 30.51
C GLN B 112 -17.30 -1.49 29.06
N ARG B 113 -16.49 -0.45 28.83
CA ARG B 113 -16.02 -0.19 27.48
C ARG B 113 -14.97 -1.20 27.03
N VAL B 114 -14.16 -1.70 27.96
CA VAL B 114 -13.16 -2.72 27.67
C VAL B 114 -13.41 -3.94 28.55
N PRO B 115 -14.35 -4.78 28.14
CA PRO B 115 -14.74 -5.92 28.97
C PRO B 115 -13.70 -7.02 29.06
N ALA B 116 -12.75 -7.10 28.13
CA ALA B 116 -11.76 -8.16 28.19
C ALA B 116 -10.51 -7.72 27.42
N VAL B 117 -9.38 -8.30 27.77
CA VAL B 117 -8.11 -8.10 27.08
C VAL B 117 -7.47 -9.46 26.83
N MET B 118 -6.99 -9.67 25.61
CA MET B 118 -6.20 -10.84 25.29
C MET B 118 -4.75 -10.41 25.06
N ILE B 119 -3.82 -11.10 25.71
CA ILE B 119 -2.40 -10.85 25.53
C ILE B 119 -1.76 -12.09 24.97
N LEU B 120 -0.90 -11.91 23.98
CA LEU B 120 -0.18 -13.01 23.36
C LEU B 120 1.28 -12.95 23.75
N ASP B 121 1.72 -13.97 24.46
CA ASP B 121 3.10 -14.22 24.91
C ASP B 121 3.83 -12.98 25.41
N LEU B 122 3.43 -12.52 26.61
CA LEU B 122 4.12 -11.51 27.39
C LEU B 122 4.71 -12.18 28.64
N ILE B 123 6.05 -12.23 28.74
CA ILE B 123 6.75 -12.81 29.88
C ILE B 123 6.14 -12.27 31.18
N MET B 124 5.44 -13.12 31.93
CA MET B 124 4.71 -12.71 33.13
C MET B 124 5.58 -12.61 34.39
N THR B 125 6.81 -13.11 34.37
CA THR B 125 7.80 -12.86 35.42
C THR B 125 8.61 -11.62 35.10
N PRO B 126 9.46 -11.18 36.02
CA PRO B 126 10.52 -10.23 35.64
C PRO B 126 11.30 -10.80 34.47
N ALA B 127 11.84 -9.90 33.64
CA ALA B 127 12.46 -10.34 32.41
C ALA B 127 13.70 -11.21 32.64
N PRO B 128 13.94 -12.20 31.78
CA PRO B 128 15.20 -12.96 31.85
C PRO B 128 16.41 -12.16 31.38
N ARG B 129 17.59 -12.58 31.88
CA ARG B 129 18.76 -11.69 31.85
C ARG B 129 19.22 -11.39 30.43
N GLU B 130 19.05 -12.35 29.49
CA GLU B 130 19.50 -12.13 28.12
C GLU B 130 18.68 -11.02 27.49
N PHE B 131 17.36 -11.05 27.75
CA PHE B 131 16.43 -10.09 27.23
C PHE B 131 16.69 -8.70 27.81
N VAL B 132 16.78 -8.62 29.14
CA VAL B 132 17.15 -7.38 29.82
C VAL B 132 18.46 -6.83 29.27
N ALA B 133 19.43 -7.70 29.00
CA ALA B 133 20.68 -7.15 28.51
C ALA B 133 20.49 -6.53 27.11
N ALA B 134 19.64 -7.15 26.27
CA ALA B 134 19.33 -6.56 24.96
C ALA B 134 18.55 -5.25 25.11
N LEU B 135 17.57 -5.21 26.04
CA LEU B 135 16.86 -3.94 26.30
C LEU B 135 17.82 -2.82 26.61
N HIS B 136 18.91 -3.12 27.33
CA HIS B 136 19.87 -2.08 27.68
C HIS B 136 20.82 -1.77 26.52
N GLY B 137 21.31 -2.81 25.86
CA GLY B 137 22.21 -2.59 24.76
C GLY B 137 21.56 -1.85 23.60
N ILE B 138 20.27 -2.08 23.36
CA ILE B 138 19.59 -1.45 22.22
C ILE B 138 19.42 0.05 22.44
N GLN B 139 19.72 0.55 23.66
CA GLN B 139 19.66 1.96 23.97
C GLN B 139 20.99 2.66 23.86
N ASP B 140 22.05 1.91 23.71
CA ASP B 140 23.41 2.44 23.73
C ASP B 140 23.80 2.84 22.32
N PRO B 141 24.02 4.11 22.03
CA PRO B 141 24.34 4.51 20.66
C PRO B 141 25.45 3.71 20.00
N GLU B 142 26.41 3.19 20.76
CA GLU B 142 27.60 2.63 20.15
C GLU B 142 27.49 1.12 19.97
N ARG B 143 26.46 0.49 20.53
CA ARG B 143 26.26 -0.96 20.41
C ARG B 143 24.80 -1.32 20.17
N TRP B 144 23.96 -0.40 19.69
CA TRP B 144 22.53 -0.71 19.65
C TRP B 144 22.23 -1.81 18.65
N LYS B 145 23.00 -1.91 17.58
CA LYS B 145 22.68 -2.92 16.57
C LYS B 145 22.90 -4.32 17.12
N GLU B 146 23.88 -4.46 18.02
CA GLU B 146 24.02 -5.69 18.79
C GLU B 146 22.82 -5.90 19.68
N GLY B 147 22.35 -4.83 20.33
CA GLY B 147 21.11 -4.94 21.10
C GLY B 147 19.95 -5.42 20.24
N ARG B 148 19.79 -4.84 19.06
CA ARG B 148 18.71 -5.26 18.16
C ARG B 148 18.85 -6.72 17.74
N ASP B 149 20.09 -7.14 17.39
CA ASP B 149 20.31 -8.55 17.05
C ASP B 149 19.99 -9.44 18.25
N GLY B 150 20.39 -9.03 19.45
CA GLY B 150 19.99 -9.78 20.66
C GLY B 150 18.48 -9.84 20.85
N LEU B 151 17.80 -8.70 20.72
CA LEU B 151 16.35 -8.68 20.76
C LEU B 151 15.77 -9.62 19.71
N VAL B 152 16.28 -9.56 18.47
CA VAL B 152 15.68 -10.37 17.41
C VAL B 152 15.93 -11.85 17.67
N GLN B 153 17.09 -12.19 18.22
CA GLN B 153 17.38 -13.59 18.54
C GLN B 153 16.46 -14.09 19.63
N SER B 154 16.15 -13.24 20.62
CA SER B 154 15.23 -13.64 21.68
C SER B 154 13.81 -13.84 21.14
N TRP B 155 13.42 -13.10 20.08
CA TRP B 155 12.13 -13.36 19.44
C TRP B 155 12.12 -14.70 18.74
N LEU B 156 13.23 -15.06 18.08
CA LEU B 156 13.18 -16.18 17.15
C LEU B 156 13.25 -17.50 17.88
N ALA B 157 14.09 -17.60 18.90
CA ALA B 157 14.26 -18.83 19.66
C ALA B 157 14.34 -20.04 18.71
N GLY B 158 15.34 -19.99 17.82
CA GLY B 158 15.69 -21.13 16.98
C GLY B 158 14.54 -21.88 16.34
N THR B 159 13.39 -21.21 16.16
CA THR B 159 12.21 -21.82 15.58
C THR B 159 12.42 -22.13 14.09
N THR B 160 11.51 -22.96 13.56
CA THR B 160 11.53 -23.35 12.15
C THR B 160 10.20 -23.08 11.47
N ASN B 161 9.22 -22.52 12.17
CA ASN B 161 7.91 -22.28 11.58
C ASN B 161 7.96 -21.15 10.55
N GLN B 162 7.32 -21.37 9.41
CA GLN B 162 7.54 -20.51 8.25
C GLN B 162 6.96 -19.12 8.46
N ALA B 163 5.68 -19.05 8.87
CA ALA B 163 5.03 -17.74 8.98
C ALA B 163 5.78 -16.86 9.96
N VAL B 164 6.33 -17.46 11.04
CA VAL B 164 6.98 -16.72 12.10
C VAL B 164 8.39 -16.31 11.71
N LEU B 165 9.13 -17.22 11.06
CA LEU B 165 10.42 -16.83 10.50
C LEU B 165 10.27 -15.62 9.60
N ASP B 166 9.30 -15.70 8.68
CA ASP B 166 9.01 -14.63 7.74
C ASP B 166 8.60 -13.35 8.47
N HIS B 167 7.79 -13.47 9.51
CA HIS B 167 7.32 -12.28 10.23
C HIS B 167 8.48 -11.57 10.88
N VAL B 168 9.28 -12.29 11.67
CA VAL B 168 10.37 -11.65 12.39
C VAL B 168 11.41 -11.11 11.42
N ARG B 169 11.83 -11.92 10.45
CA ARG B 169 12.94 -11.54 9.60
C ARG B 169 12.55 -10.44 8.61
N TYR B 170 11.32 -10.47 8.11
CA TYR B 170 10.97 -9.59 7.00
C TYR B 170 9.95 -8.51 7.34
N ASP B 171 9.30 -8.55 8.50
CA ASP B 171 8.24 -7.59 8.82
C ASP B 171 8.63 -6.63 9.95
N SER B 172 9.90 -6.51 10.29
CA SER B 172 10.30 -5.56 11.34
C SER B 172 11.35 -4.55 10.86
N GLY B 173 11.39 -4.28 9.56
CA GLY B 173 12.34 -3.35 9.00
C GLY B 173 11.82 -1.93 9.01
N GLY B 174 12.70 -1.02 8.60
CA GLY B 174 12.31 0.35 8.43
C GLY B 174 12.40 1.22 9.65
N HIS B 175 12.96 0.69 10.75
CA HIS B 175 13.20 1.45 11.97
C HIS B 175 14.69 1.59 12.23
N GLY B 176 15.05 2.71 12.83
CA GLY B 176 16.43 2.97 13.15
C GLY B 176 16.69 3.04 14.65
N PHE B 177 17.77 3.71 15.00
CA PHE B 177 18.17 3.82 16.40
C PHE B 177 17.02 4.40 17.22
N ASP B 178 16.34 5.40 16.69
CA ASP B 178 15.36 6.12 17.49
C ASP B 178 14.29 5.16 18.03
N MET B 179 13.72 4.33 17.16
CA MET B 179 12.59 3.52 17.56
C MET B 179 13.06 2.25 18.26
N TRP B 180 14.16 1.66 17.81
CA TRP B 180 14.66 0.47 18.49
C TRP B 180 15.14 0.80 19.91
N ALA B 181 15.81 1.93 20.11
CA ALA B 181 16.15 2.32 21.49
C ALA B 181 14.92 2.61 22.31
N ARG B 182 13.90 3.25 21.71
CA ARG B 182 12.70 3.54 22.48
C ARG B 182 12.03 2.26 22.95
N ALA B 183 11.99 1.22 22.10
CA ALA B 183 11.43 -0.06 22.54
C ALA B 183 12.17 -0.56 23.78
N GLY B 184 13.49 -0.56 23.76
CA GLY B 184 14.23 -1.02 24.93
C GLY B 184 13.92 -0.20 26.15
N ARG B 185 13.90 1.12 25.98
CA ARG B 185 13.62 2.04 27.07
C ARG B 185 12.24 1.81 27.65
N VAL B 186 11.21 1.77 26.80
CA VAL B 186 9.84 1.68 27.27
C VAL B 186 9.55 0.32 27.91
N ILE B 187 10.03 -0.77 27.30
CA ILE B 187 9.86 -2.10 27.88
C ILE B 187 10.56 -2.19 29.23
N ASP B 188 11.83 -1.77 29.30
CA ASP B 188 12.54 -1.84 30.57
C ASP B 188 11.86 -0.98 31.63
N GLU B 189 11.33 0.19 31.24
CA GLU B 189 10.64 1.07 32.18
C GLU B 189 9.39 0.41 32.76
N ALA B 190 8.65 -0.35 31.94
CA ALA B 190 7.46 -1.05 32.43
C ALA B 190 7.84 -2.06 33.51
N TYR B 191 8.85 -2.88 33.26
CA TYR B 191 9.31 -3.84 34.26
C TYR B 191 9.84 -3.14 35.50
N ARG B 192 10.50 -1.99 35.34
CA ARG B 192 11.05 -1.26 36.48
C ARG B 192 9.92 -0.66 37.31
N THR B 193 8.92 -0.06 36.65
CA THR B 193 7.78 0.54 37.31
C THR B 193 6.93 -0.50 38.04
N TRP B 194 6.57 -1.59 37.35
CA TRP B 194 5.59 -2.55 37.86
C TRP B 194 6.19 -3.85 38.39
N GLY B 195 7.44 -4.15 38.12
CA GLY B 195 7.98 -5.46 38.46
C GLY B 195 7.65 -6.57 37.45
N SER B 196 6.38 -6.73 37.11
CA SER B 196 5.92 -7.79 36.20
C SER B 196 4.57 -7.40 35.67
N PRO B 197 4.15 -7.94 34.52
CA PRO B 197 2.77 -7.72 34.06
C PRO B 197 1.71 -8.22 35.03
N MET B 198 1.98 -9.27 35.80
CA MET B 198 0.97 -9.73 36.77
C MET B 198 0.73 -8.68 37.86
N ARG B 199 1.80 -8.07 38.39
CA ARG B 199 1.61 -6.95 39.31
C ARG B 199 0.87 -5.79 38.66
N ARG B 200 1.20 -5.44 37.39
CA ARG B 200 0.40 -4.42 36.71
C ARG B 200 -1.07 -4.76 36.69
N MET B 201 -1.40 -6.03 36.43
CA MET B 201 -2.83 -6.37 36.36
C MET B 201 -3.47 -6.23 37.73
N GLU B 202 -2.76 -6.68 38.78
CA GLU B 202 -3.27 -6.52 40.15
C GLU B 202 -3.57 -5.07 40.50
N ALA B 203 -2.95 -4.11 39.81
CA ALA B 203 -3.16 -2.69 40.07
C ALA B 203 -4.37 -2.14 39.34
N LEU B 204 -5.03 -2.94 38.51
CA LEU B 204 -6.15 -2.40 37.76
C LEU B 204 -7.26 -2.01 38.72
N ALA B 205 -7.88 -0.87 38.46
CA ALA B 205 -8.95 -0.36 39.31
C ALA B 205 -10.11 -1.34 39.34
N GLU B 206 -10.37 -1.98 38.21
CA GLU B 206 -11.60 -2.70 37.96
C GLU B 206 -11.29 -3.76 36.92
N PRO B 207 -10.59 -4.82 37.33
CA PRO B 207 -10.06 -5.77 36.34
C PRO B 207 -11.16 -6.29 35.41
N CYS B 208 -10.92 -6.16 34.11
CA CYS B 208 -11.76 -6.83 33.14
C CYS B 208 -11.32 -8.29 33.07
N ALA B 209 -11.89 -9.06 32.15
CA ALA B 209 -11.33 -10.40 31.92
C ALA B 209 -10.04 -10.28 31.11
N ILE B 210 -9.00 -10.99 31.53
CA ILE B 210 -7.69 -10.94 30.89
C ILE B 210 -7.24 -12.39 30.65
N ARG B 211 -6.95 -12.71 29.39
CA ARG B 211 -6.49 -14.03 29.01
C ARG B 211 -5.12 -13.92 28.37
N HIS B 212 -4.20 -14.75 28.83
CA HIS B 212 -2.84 -14.84 28.32
C HIS B 212 -2.70 -16.13 27.53
N VAL B 213 -2.28 -16.00 26.27
CA VAL B 213 -2.13 -17.12 25.36
C VAL B 213 -0.67 -17.20 24.92
N PHE B 214 -0.07 -18.37 25.07
CA PHE B 214 1.35 -18.54 24.81
C PHE B 214 1.68 -20.01 24.56
N SER B 215 2.82 -20.22 23.92
CA SER B 215 3.45 -21.54 23.85
C SER B 215 4.82 -21.57 24.52
N HIS B 216 5.40 -20.42 24.83
CA HIS B 216 6.77 -20.35 25.28
C HIS B 216 6.85 -19.67 26.64
N PRO B 217 8.02 -19.83 27.23
CA PRO B 217 8.16 -20.19 28.63
C PRO B 217 7.52 -21.57 28.82
N LYS B 218 8.12 -22.57 28.17
CA LYS B 218 7.59 -23.93 28.15
C LYS B 218 8.28 -24.78 29.23
N ILE B 219 8.10 -24.34 30.46
CA ILE B 219 8.65 -25.00 31.64
C ILE B 219 7.49 -25.51 32.48
N GLY B 220 7.81 -25.90 33.72
CA GLY B 220 6.81 -26.24 34.71
C GLY B 220 6.57 -25.11 35.70
N GLU B 221 7.64 -24.47 36.17
CA GLU B 221 7.49 -23.34 37.07
C GLU B 221 6.60 -22.27 36.48
N TYR B 222 6.59 -22.12 35.14
CA TYR B 222 5.84 -21.03 34.50
C TYR B 222 4.33 -21.28 34.55
N ASP B 223 3.90 -22.52 34.30
CA ASP B 223 2.47 -22.85 34.43
C ASP B 223 2.03 -22.76 35.87
N ALA B 224 2.92 -23.15 36.79
CA ALA B 224 2.64 -22.97 38.21
C ALA B 224 2.28 -21.52 38.49
N LEU B 225 3.17 -20.59 38.10
CA LEU B 225 2.91 -19.17 38.26
C LEU B 225 1.51 -18.79 37.77
N HIS B 226 1.15 -19.25 36.58
CA HIS B 226 -0.17 -18.91 36.03
C HIS B 226 -1.29 -19.57 36.82
N ASP B 227 -1.10 -20.82 37.24
CA ASP B 227 -2.08 -21.49 38.09
C ASP B 227 -2.28 -20.72 39.38
N ASP B 228 -1.18 -20.42 40.09
CA ASP B 228 -1.27 -19.66 41.33
C ASP B 228 -2.05 -18.36 41.11
N PHE B 229 -1.68 -17.62 40.06
CA PHE B 229 -2.30 -16.33 39.81
C PHE B 229 -3.78 -16.48 39.49
N ALA B 230 -4.12 -17.50 38.73
CA ALA B 230 -5.53 -17.74 38.41
C ALA B 230 -6.30 -18.19 39.63
N ALA B 231 -5.67 -18.96 40.54
CA ALA B 231 -6.33 -19.28 41.81
C ALA B 231 -6.64 -18.00 42.61
N ARG B 232 -5.71 -17.05 42.64
CA ARG B 232 -5.92 -15.79 43.37
C ARG B 232 -6.90 -14.87 42.66
N HIS B 233 -7.05 -14.99 41.35
CA HIS B 233 -7.73 -13.99 40.53
C HIS B 233 -8.64 -14.71 39.54
N PRO B 234 -9.96 -14.72 39.77
CA PRO B 234 -10.86 -15.42 38.84
C PRO B 234 -11.06 -14.71 37.51
N TRP B 235 -10.71 -13.42 37.37
CA TRP B 235 -10.82 -12.75 36.07
C TRP B 235 -9.67 -13.11 35.12
N PHE B 236 -8.62 -13.75 35.63
CA PHE B 236 -7.49 -14.17 34.82
C PHE B 236 -7.65 -15.61 34.32
N SER B 237 -7.36 -15.82 33.04
CA SER B 237 -7.29 -17.15 32.45
C SER B 237 -6.06 -17.21 31.57
N TYR B 238 -5.64 -18.45 31.26
CA TYR B 238 -4.48 -18.65 30.41
C TYR B 238 -4.63 -19.97 29.65
N ARG B 239 -4.09 -19.96 28.43
CA ARG B 239 -4.03 -21.15 27.59
C ARG B 239 -2.60 -21.33 27.09
N ARG B 240 -1.95 -22.41 27.51
CA ARG B 240 -0.70 -22.81 26.89
C ARG B 240 -1.00 -23.64 25.64
N LEU B 241 -0.62 -23.14 24.47
CA LEU B 241 -0.79 -23.89 23.23
C LEU B 241 0.45 -24.75 22.94
N GLY B 242 0.31 -25.63 21.96
CA GLY B 242 1.38 -26.58 21.66
C GLY B 242 2.30 -26.10 20.56
N GLY B 243 2.52 -24.79 20.47
CA GLY B 243 3.39 -24.24 19.46
C GLY B 243 4.83 -24.26 19.91
N GLU B 244 5.69 -23.83 19.01
CA GLU B 244 7.12 -23.75 19.31
C GLU B 244 7.63 -22.32 19.41
N THR B 245 6.81 -21.31 19.14
CA THR B 245 7.33 -19.96 18.91
C THR B 245 6.73 -18.97 19.89
N HIS B 246 7.32 -17.78 19.91
CA HIS B 246 6.84 -16.67 20.70
C HIS B 246 5.73 -15.88 20.01
N PHE B 247 5.22 -16.36 18.88
CA PHE B 247 4.21 -15.63 18.10
C PHE B 247 2.99 -16.52 17.87
N PRO B 248 2.18 -16.73 18.90
CA PRO B 248 1.01 -17.62 18.71
C PRO B 248 0.02 -17.11 17.70
N GLY B 249 -0.16 -15.79 17.61
CA GLY B 249 -1.11 -15.27 16.65
C GLY B 249 -0.71 -15.49 15.19
N ILE B 250 0.57 -15.75 14.94
CA ILE B 250 1.07 -16.04 13.59
C ILE B 250 1.26 -17.54 13.38
N GLU B 251 1.78 -18.24 14.38
CA GLU B 251 1.96 -19.68 14.31
C GLU B 251 0.62 -20.40 14.32
N LEU B 252 -0.29 -20.01 15.22
CA LEU B 252 -1.54 -20.74 15.46
C LEU B 252 -2.73 -19.80 15.37
N PRO B 253 -2.89 -19.12 14.23
CA PRO B 253 -3.89 -18.05 14.14
C PRO B 253 -5.32 -18.51 14.38
N GLN B 254 -5.70 -19.68 13.87
CA GLN B 254 -7.03 -20.23 14.11
C GLN B 254 -7.27 -20.46 15.61
N GLN B 255 -6.32 -21.08 16.29
CA GLN B 255 -6.52 -21.38 17.71
C GLN B 255 -6.51 -20.13 18.58
N VAL B 256 -5.72 -19.12 18.22
CA VAL B 256 -5.71 -17.88 19.00
C VAL B 256 -7.02 -17.13 18.79
N ALA B 257 -7.44 -17.01 17.53
CA ALA B 257 -8.69 -16.33 17.24
C ALA B 257 -9.87 -16.99 17.96
N ALA B 258 -9.86 -18.31 18.12
CA ALA B 258 -10.97 -18.96 18.83
C ALA B 258 -10.94 -18.59 20.31
N GLU B 259 -9.76 -18.63 20.92
CA GLU B 259 -9.65 -18.16 22.30
C GLU B 259 -10.15 -16.74 22.41
N ALA B 260 -9.85 -15.88 21.42
CA ALA B 260 -10.33 -14.51 21.49
C ALA B 260 -11.85 -14.46 21.39
N ILE B 261 -12.41 -15.30 20.53
CA ILE B 261 -13.85 -15.28 20.30
C ILE B 261 -14.58 -15.81 21.54
N ASP B 262 -14.05 -16.88 22.14
CA ASP B 262 -14.55 -17.34 23.43
C ASP B 262 -14.44 -16.26 24.50
N LEU B 263 -13.26 -15.64 24.61
CA LEU B 263 -13.07 -14.54 25.57
C LEU B 263 -14.15 -13.47 25.42
N LEU B 264 -14.40 -13.03 24.19
CA LEU B 264 -15.43 -12.03 23.94
C LEU B 264 -16.81 -12.52 24.38
N ALA B 265 -17.12 -13.78 24.10
CA ALA B 265 -18.44 -14.33 24.45
C ALA B 265 -18.78 -14.10 25.91
N GLY B 266 -17.84 -14.37 26.81
CA GLY B 266 -17.94 -13.86 28.19
C GLY B 266 -17.39 -12.45 28.29
N MET C 1 2.83 -2.27 3.13
CA MET C 1 4.13 -2.83 2.84
C MET C 1 5.19 -1.71 2.67
N ILE C 2 4.85 -0.69 1.93
CA ILE C 2 5.84 0.30 1.53
C ILE C 2 5.90 1.43 2.57
N THR C 3 7.12 1.83 2.91
CA THR C 3 7.36 2.88 3.88
C THR C 3 8.02 4.09 3.20
N THR C 4 7.94 5.24 3.88
CA THR C 4 8.50 6.49 3.39
C THR C 4 9.29 7.19 4.49
N LYS C 5 10.31 7.91 4.10
CA LYS C 5 10.97 8.84 5.00
C LYS C 5 11.27 10.09 4.22
N THR C 6 11.32 11.23 4.92
CA THR C 6 11.75 12.49 4.30
C THR C 6 13.28 12.55 4.39
N VAL C 7 13.93 12.65 3.24
CA VAL C 7 15.38 12.77 3.12
C VAL C 7 15.66 13.97 2.22
N ASN C 8 16.50 14.89 2.67
CA ASN C 8 16.82 16.07 1.84
C ASN C 8 15.57 16.82 1.43
N GLY C 9 14.57 16.87 2.32
CA GLY C 9 13.33 17.53 2.04
C GLY C 9 12.41 16.85 1.04
N VAL C 10 12.69 15.62 0.61
CA VAL C 10 11.77 14.94 -0.31
C VAL C 10 11.44 13.58 0.25
N GLN C 11 10.30 13.08 -0.20
CA GLN C 11 9.81 11.80 0.24
C GLN C 11 10.46 10.66 -0.53
N ILE C 12 11.13 9.78 0.20
CA ILE C 12 11.78 8.60 -0.37
C ILE C 12 11.05 7.37 0.10
N ALA C 13 10.40 6.68 -0.83
CA ALA C 13 9.74 5.44 -0.53
C ALA C 13 10.72 4.28 -0.60
N PHE C 14 10.49 3.30 0.24
CA PHE C 14 11.47 2.21 0.32
C PHE C 14 10.79 1.05 1.03
N ASP C 15 11.43 -0.12 1.01
CA ASP C 15 11.06 -1.09 2.00
C ASP C 15 12.30 -1.87 2.42
N ASP C 16 12.23 -2.43 3.63
CA ASP C 16 13.41 -2.94 4.32
C ASP C 16 13.01 -4.28 4.90
N GLN C 17 13.69 -5.35 4.46
CA GLN C 17 13.31 -6.71 4.82
C GLN C 17 14.57 -7.52 5.02
N GLY C 18 14.54 -8.42 6.00
CA GLY C 18 15.69 -9.29 6.19
C GLY C 18 16.53 -8.87 7.37
N HIS C 19 17.25 -9.85 7.88
CA HIS C 19 18.09 -9.69 9.05
C HIS C 19 19.12 -10.80 8.92
N GLU C 20 20.32 -10.41 8.55
CA GLU C 20 21.38 -11.35 8.27
C GLU C 20 22.63 -10.51 8.41
N PRO C 21 23.70 -11.04 9.00
CA PRO C 21 24.94 -10.28 9.08
C PRO C 21 25.55 -10.04 7.70
N GLY C 22 26.37 -9.00 7.62
CA GLY C 22 27.03 -8.65 6.39
C GLY C 22 26.39 -7.49 5.66
N PRO C 23 26.91 -7.22 4.46
CA PRO C 23 26.40 -6.10 3.67
C PRO C 23 24.92 -6.25 3.38
N VAL C 24 24.30 -5.09 3.16
CA VAL C 24 22.90 -4.97 2.81
C VAL C 24 22.76 -4.83 1.30
N PHE C 25 21.82 -5.56 0.70
CA PHE C 25 21.47 -5.32 -0.69
C PHE C 25 20.58 -4.10 -0.78
N VAL C 26 20.90 -3.19 -1.70
CA VAL C 26 20.11 -1.99 -1.92
C VAL C 26 19.66 -2.01 -3.37
N THR C 27 18.35 -2.14 -3.61
CA THR C 27 17.89 -2.16 -5.00
C THR C 27 17.57 -0.75 -5.46
N LEU C 28 17.97 -0.46 -6.68
CA LEU C 28 17.75 0.80 -7.34
C LEU C 28 17.19 0.52 -8.72
N SER C 29 16.09 1.18 -9.04
CA SER C 29 15.39 0.96 -10.28
C SER C 29 15.88 1.92 -11.35
N GLY C 30 15.42 1.70 -12.57
CA GLY C 30 15.63 2.66 -13.62
C GLY C 30 14.75 3.90 -13.43
N TRP C 31 14.76 4.75 -14.45
CA TRP C 31 13.81 5.87 -14.50
C TRP C 31 12.40 5.39 -14.74
N ALA C 32 11.44 6.05 -14.09
CA ALA C 32 10.02 5.89 -14.36
C ALA C 32 9.47 4.55 -13.94
N HIS C 33 10.14 3.83 -13.04
CA HIS C 33 9.49 2.75 -12.34
C HIS C 33 10.06 2.70 -10.93
N ASP C 34 9.51 1.81 -10.11
CA ASP C 34 9.73 1.84 -8.67
C ASP C 34 10.21 0.46 -8.21
N LEU C 35 10.06 0.18 -6.91
CA LEU C 35 10.67 -1.03 -6.35
C LEU C 35 9.97 -2.30 -6.78
N ARG C 36 8.84 -2.21 -7.48
CA ARG C 36 8.23 -3.43 -7.97
C ARG C 36 9.07 -4.06 -9.07
N ALA C 37 10.03 -3.32 -9.61
CA ALA C 37 11.00 -3.90 -10.52
C ALA C 37 11.84 -4.99 -9.85
N TYR C 38 11.80 -5.11 -8.51
CA TYR C 38 12.52 -6.17 -7.82
C TYR C 38 11.60 -7.09 -7.02
N ASP C 39 10.28 -7.05 -7.26
CA ASP C 39 9.37 -8.05 -6.65
C ASP C 39 9.84 -9.46 -6.93
N GLY C 40 10.30 -9.75 -8.15
CA GLY C 40 10.68 -11.13 -8.45
C GLY C 40 11.96 -11.54 -7.76
N MET C 41 12.92 -10.62 -7.68
CA MET C 41 14.20 -10.95 -7.06
C MET C 41 14.10 -10.97 -5.54
N LEU C 42 13.14 -10.26 -4.97
CA LEU C 42 13.14 -9.99 -3.53
C LEU C 42 13.19 -11.25 -2.69
N PRO C 43 12.35 -12.28 -2.95
CA PRO C 43 12.42 -13.49 -2.13
C PRO C 43 13.82 -14.06 -2.01
N TYR C 44 14.57 -14.05 -3.11
CA TYR C 44 15.92 -14.62 -3.10
C TYR C 44 16.90 -13.68 -2.40
N LEU C 45 16.75 -12.36 -2.61
CA LEU C 45 17.69 -11.44 -1.98
C LEU C 45 17.50 -11.44 -0.46
N ARG C 46 16.24 -11.33 0.01
CA ARG C 46 16.01 -11.18 1.46
C ARG C 46 16.36 -12.46 2.22
N ALA C 47 16.28 -13.64 1.58
CA ALA C 47 16.72 -14.87 2.23
C ALA C 47 18.23 -14.86 2.47
N ALA C 48 18.96 -14.12 1.65
CA ALA C 48 20.42 -14.09 1.69
C ALA C 48 20.94 -13.00 2.62
N GLN C 49 20.42 -11.78 2.48
CA GLN C 49 20.89 -10.62 3.22
C GLN C 49 19.74 -9.67 3.47
N ARG C 50 19.89 -8.81 4.49
CA ARG C 50 18.97 -7.68 4.61
C ARG C 50 18.94 -6.92 3.31
N THR C 51 17.74 -6.61 2.84
CA THR C 51 17.54 -5.97 1.54
C THR C 51 16.69 -4.72 1.69
N VAL C 52 17.23 -3.59 1.26
CA VAL C 52 16.50 -2.33 1.23
C VAL C 52 16.24 -1.95 -0.22
N ARG C 53 14.98 -1.96 -0.62
CA ARG C 53 14.57 -1.49 -1.94
C ARG C 53 14.21 -0.02 -1.87
N VAL C 54 14.78 0.76 -2.78
CA VAL C 54 14.72 2.22 -2.73
C VAL C 54 14.11 2.76 -4.01
N CYS C 55 13.18 3.71 -3.86
CA CYS C 55 12.64 4.49 -4.98
C CYS C 55 13.35 5.82 -5.05
N TRP C 56 13.44 6.34 -6.28
CA TRP C 56 13.91 7.71 -6.48
C TRP C 56 12.85 8.72 -6.03
N ARG C 57 13.31 9.92 -5.79
CA ARG C 57 12.37 11.00 -5.54
C ARG C 57 11.42 11.11 -6.73
N GLY C 58 10.17 11.43 -6.42
CA GLY C 58 9.15 11.53 -7.42
C GLY C 58 8.62 10.20 -7.93
N HIS C 59 9.20 9.07 -7.50
CA HIS C 59 8.80 7.74 -7.99
C HIS C 59 8.03 6.91 -6.95
N GLY C 60 7.87 7.40 -5.75
CA GLY C 60 7.18 6.68 -4.73
C GLY C 60 5.68 6.81 -4.94
N PRO C 61 4.90 6.41 -3.94
CA PRO C 61 3.43 6.58 -4.04
C PRO C 61 2.96 8.01 -4.26
N ASP C 62 3.64 9.01 -3.69
CA ASP C 62 3.38 10.42 -3.97
C ASP C 62 3.93 10.79 -5.34
N ARG C 63 3.03 11.02 -6.30
CA ARG C 63 3.43 11.33 -7.67
C ARG C 63 3.23 12.78 -8.03
N ASN C 64 3.20 13.66 -7.03
CA ASN C 64 3.35 15.08 -7.29
C ASN C 64 4.65 15.32 -8.00
N LEU C 65 4.64 16.32 -8.85
CA LEU C 65 5.86 16.71 -9.52
C LEU C 65 6.79 17.32 -8.48
N VAL C 66 8.08 17.00 -8.61
CA VAL C 66 9.10 17.53 -7.74
C VAL C 66 9.95 18.45 -8.62
N GLY C 67 10.77 19.26 -7.98
CA GLY C 67 11.65 20.11 -8.75
C GLY C 67 12.67 19.29 -9.53
N ASP C 68 13.32 19.94 -10.51
CA ASP C 68 14.28 19.25 -11.35
C ASP C 68 15.35 18.56 -10.51
N PHE C 69 15.85 17.43 -11.00
CA PHE C 69 16.92 16.74 -10.29
C PHE C 69 17.64 15.86 -11.31
N GLY C 70 18.82 15.42 -10.91
CA GLY C 70 19.54 14.39 -11.65
C GLY C 70 20.25 13.37 -10.79
N ILE C 71 21.36 12.84 -11.33
CA ILE C 71 22.07 11.75 -10.65
C ILE C 71 22.52 12.16 -9.26
N ASP C 72 22.95 13.42 -9.08
CA ASP C 72 23.49 13.88 -7.79
C ASP C 72 22.46 13.72 -6.66
N GLU C 73 21.23 14.14 -6.93
CA GLU C 73 20.15 13.99 -5.96
C GLU C 73 19.79 12.52 -5.73
N MET C 74 19.70 11.74 -6.81
CA MET C 74 19.44 10.32 -6.67
C MET C 74 20.44 9.66 -5.73
N ALA C 75 21.72 9.97 -5.93
CA ALA C 75 22.75 9.43 -5.05
C ALA C 75 22.60 9.96 -3.62
N ALA C 76 22.38 11.28 -3.46
CA ALA C 76 22.38 11.87 -2.11
C ALA C 76 21.14 11.43 -1.32
N ASP C 77 19.99 11.33 -1.99
CA ASP C 77 18.76 10.82 -1.37
C ASP C 77 18.92 9.39 -0.87
N THR C 78 19.47 8.51 -1.72
CA THR C 78 19.68 7.11 -1.33
C THR C 78 20.64 7.00 -0.15
N ILE C 79 21.76 7.70 -0.20
CA ILE C 79 22.71 7.70 0.92
C ILE C 79 22.04 8.24 2.18
N GLY C 80 21.26 9.32 2.05
CA GLY C 80 20.56 9.89 3.20
C GLY C 80 19.61 8.90 3.84
N LEU C 81 18.89 8.15 3.02
CA LEU C 81 18.00 7.12 3.53
C LEU C 81 18.78 6.08 4.31
N LEU C 82 19.85 5.57 3.71
CA LEU C 82 20.60 4.48 4.35
C LEU C 82 21.32 4.97 5.60
N ASP C 83 21.72 6.24 5.62
CA ASP C 83 22.28 6.81 6.84
C ASP C 83 21.23 6.92 7.93
N ALA C 84 19.99 7.27 7.57
CA ALA C 84 18.92 7.37 8.54
C ALA C 84 18.62 6.01 9.16
N LEU C 85 18.73 4.93 8.38
CA LEU C 85 18.57 3.59 8.90
C LEU C 85 19.83 3.03 9.56
N GLU C 86 20.95 3.75 9.45
CA GLU C 86 22.28 3.29 9.94
C GLU C 86 22.73 1.97 9.30
N VAL C 87 22.42 1.82 8.02
CA VAL C 87 23.03 0.76 7.23
C VAL C 87 24.51 1.05 7.09
N ASP C 88 25.35 0.07 7.38
CA ASP C 88 26.78 0.24 7.18
C ASP C 88 27.15 -0.15 5.74
N SER C 89 27.80 -1.28 5.53
CA SER C 89 28.21 -1.61 4.17
C SER C 89 27.00 -2.14 3.39
N PHE C 90 26.97 -1.81 2.08
CA PHE C 90 25.87 -2.23 1.23
C PHE C 90 26.30 -2.37 -0.23
N VAL C 91 25.51 -3.15 -0.95
CA VAL C 91 25.77 -3.52 -2.33
C VAL C 91 24.59 -3.07 -3.18
N PRO C 92 24.74 -1.96 -3.90
CA PRO C 92 23.69 -1.55 -4.83
C PRO C 92 23.47 -2.58 -5.93
N ILE C 93 22.21 -2.87 -6.21
CA ILE C 93 21.78 -3.59 -7.43
C ILE C 93 20.94 -2.61 -8.22
N ALA C 94 21.42 -2.18 -9.38
CA ALA C 94 20.81 -1.07 -10.09
C ALA C 94 20.36 -1.50 -11.49
N HIS C 95 19.15 -1.14 -11.84
CA HIS C 95 18.64 -1.39 -13.18
C HIS C 95 18.93 -0.25 -14.16
N ALA C 96 19.50 -0.63 -15.31
CA ALA C 96 19.78 0.27 -16.42
C ALA C 96 20.36 1.59 -15.96
N HIS C 97 19.72 2.69 -16.30
CA HIS C 97 20.34 3.96 -16.04
C HIS C 97 20.25 4.36 -14.57
N GLY C 98 19.61 3.57 -13.72
CA GLY C 98 19.90 3.69 -12.29
C GLY C 98 21.34 3.36 -11.96
N GLY C 99 22.04 2.66 -12.87
CA GLY C 99 23.44 2.38 -12.66
C GLY C 99 24.34 3.60 -12.55
N TRP C 100 23.95 4.72 -13.15
CA TRP C 100 24.78 5.92 -13.02
C TRP C 100 24.76 6.43 -11.59
N ALA C 101 23.59 6.37 -10.97
CA ALA C 101 23.45 6.76 -9.57
C ALA C 101 24.14 5.76 -8.64
N ALA C 102 24.14 4.46 -8.98
CA ALA C 102 24.86 3.49 -8.16
C ALA C 102 26.38 3.72 -8.19
N LEU C 103 26.93 4.09 -9.36
CA LEU C 103 28.36 4.37 -9.43
C LEU C 103 28.72 5.64 -8.68
N GLU C 104 27.85 6.64 -8.75
CA GLU C 104 28.08 7.87 -8.01
C GLU C 104 28.04 7.60 -6.50
N ILE C 105 27.12 6.74 -6.05
CA ILE C 105 27.10 6.36 -4.63
C ILE C 105 28.41 5.67 -4.24
N ALA C 106 28.78 4.65 -4.98
CA ALA C 106 30.03 3.96 -4.75
C ALA C 106 31.22 4.91 -4.71
N ASP C 107 31.24 5.90 -5.60
CA ASP C 107 32.35 6.84 -5.62
C ASP C 107 32.35 7.69 -4.35
N ARG C 108 31.19 8.22 -3.97
CA ARG C 108 31.10 9.10 -2.81
C ARG C 108 31.51 8.39 -1.53
N LEU C 109 31.17 7.12 -1.40
CA LEU C 109 31.30 6.43 -0.12
C LEU C 109 32.52 5.53 -0.05
N GLY C 110 33.10 5.18 -1.20
CA GLY C 110 34.27 4.32 -1.19
C GLY C 110 33.98 2.86 -0.94
N ALA C 111 35.05 2.08 -1.07
CA ALA C 111 34.91 0.63 -1.27
C ALA C 111 34.75 -0.15 0.02
N GLN C 112 34.94 0.47 1.19
CA GLN C 112 34.60 -0.27 2.41
C GLN C 112 33.10 -0.18 2.69
N ARG C 113 32.53 1.00 2.55
CA ARG C 113 31.09 1.19 2.68
C ARG C 113 30.32 0.53 1.53
N VAL C 114 30.82 0.64 0.31
CA VAL C 114 30.20 0.01 -0.86
C VAL C 114 31.19 -0.95 -1.52
N PRO C 115 31.31 -2.20 -1.05
CA PRO C 115 32.34 -3.10 -1.58
C PRO C 115 32.05 -3.64 -2.97
N ALA C 116 30.83 -3.44 -3.46
CA ALA C 116 30.43 -4.05 -4.74
C ALA C 116 29.19 -3.34 -5.26
N VAL C 117 29.06 -3.33 -6.59
CA VAL C 117 27.91 -2.78 -7.30
C VAL C 117 27.55 -3.76 -8.40
N MET C 118 26.27 -4.12 -8.50
CA MET C 118 25.72 -4.86 -9.64
C MET C 118 24.85 -3.95 -10.49
N ILE C 119 25.06 -3.98 -11.82
CA ILE C 119 24.28 -3.21 -12.78
C ILE C 119 23.63 -4.17 -13.75
N LEU C 120 22.37 -3.87 -14.10
CA LEU C 120 21.50 -4.75 -14.87
C LEU C 120 21.20 -4.02 -16.18
N ASP C 121 21.79 -4.52 -17.27
CA ASP C 121 21.42 -4.11 -18.64
C ASP C 121 21.54 -2.61 -18.85
N LEU C 122 22.76 -2.12 -18.68
CA LEU C 122 23.06 -0.72 -18.92
C LEU C 122 24.04 -0.62 -20.10
N ILE C 123 23.67 0.09 -21.14
CA ILE C 123 24.52 0.27 -22.35
C ILE C 123 25.91 0.76 -21.97
N MET C 124 26.91 -0.11 -22.11
CA MET C 124 28.27 0.21 -21.70
C MET C 124 29.09 0.96 -22.74
N THR C 125 28.68 0.95 -23.99
CA THR C 125 29.35 1.72 -25.03
C THR C 125 28.93 3.17 -24.95
N PRO C 126 29.54 4.05 -25.76
CA PRO C 126 28.90 5.33 -26.04
C PRO C 126 27.48 5.09 -26.55
N ALA C 127 26.64 6.09 -26.36
CA ALA C 127 25.23 5.95 -26.71
C ALA C 127 25.11 5.74 -28.22
N PRO C 128 24.38 4.73 -28.68
CA PRO C 128 24.10 4.62 -30.11
C PRO C 128 23.23 5.75 -30.59
N ARG C 129 23.45 6.14 -31.85
CA ARG C 129 22.72 7.28 -32.38
C ARG C 129 21.22 7.05 -32.29
N GLU C 130 20.74 5.82 -32.43
CA GLU C 130 19.31 5.56 -32.34
C GLU C 130 18.80 5.68 -30.90
N PHE C 131 19.69 5.48 -29.92
CA PHE C 131 19.32 5.66 -28.53
C PHE C 131 19.28 7.15 -28.20
N VAL C 132 20.30 7.89 -28.62
CA VAL C 132 20.31 9.34 -28.49
C VAL C 132 19.04 9.94 -29.09
N ALA C 133 18.60 9.42 -30.23
CA ALA C 133 17.37 9.93 -30.83
C ALA C 133 16.19 9.74 -29.87
N ALA C 134 16.09 8.54 -29.31
CA ALA C 134 15.01 8.23 -28.36
C ALA C 134 15.07 9.15 -27.14
N LEU C 135 16.27 9.38 -26.60
CA LEU C 135 16.42 10.28 -25.44
C LEU C 135 15.96 11.69 -25.78
N HIS C 136 16.19 12.14 -27.01
CA HIS C 136 15.69 13.44 -27.42
C HIS C 136 14.18 13.42 -27.65
N GLY C 137 13.65 12.29 -28.14
CA GLY C 137 12.22 12.21 -28.40
C GLY C 137 11.36 12.29 -27.14
N ILE C 138 11.83 11.70 -26.03
CA ILE C 138 11.05 11.75 -24.79
C ILE C 138 11.14 13.13 -24.14
N GLN C 139 11.96 14.03 -24.67
CA GLN C 139 11.95 15.43 -24.23
C GLN C 139 11.05 16.32 -25.06
N ASP C 140 10.48 15.80 -26.15
CA ASP C 140 9.52 16.54 -26.99
C ASP C 140 8.13 16.50 -26.36
N PRO C 141 7.56 17.64 -25.96
CA PRO C 141 6.25 17.62 -25.31
C PRO C 141 5.15 17.01 -26.14
N GLU C 142 5.28 16.99 -27.47
CA GLU C 142 4.20 16.51 -28.32
C GLU C 142 4.35 15.06 -28.74
N ARG C 143 5.56 14.50 -28.67
CA ARG C 143 5.79 13.13 -29.12
C ARG C 143 6.48 12.26 -28.07
N TRP C 144 6.50 12.68 -26.80
CA TRP C 144 7.20 11.90 -25.79
C TRP C 144 6.63 10.49 -25.69
N LYS C 145 5.30 10.34 -25.87
CA LYS C 145 4.67 9.02 -25.75
C LYS C 145 5.11 8.08 -26.85
N GLU C 146 5.32 8.62 -28.06
CA GLU C 146 5.86 7.82 -29.16
C GLU C 146 7.27 7.33 -28.84
N GLY C 147 8.11 8.24 -28.34
CA GLY C 147 9.44 7.86 -27.90
C GLY C 147 9.41 6.73 -26.88
N ARG C 148 8.49 6.80 -25.91
CA ARG C 148 8.39 5.75 -24.90
C ARG C 148 7.98 4.42 -25.52
N ASP C 149 6.91 4.43 -26.32
CA ASP C 149 6.41 3.19 -26.91
C ASP C 149 7.45 2.53 -27.78
N GLY C 150 8.28 3.34 -28.45
CA GLY C 150 9.39 2.78 -29.22
C GLY C 150 10.41 2.08 -28.33
N LEU C 151 10.84 2.76 -27.26
CA LEU C 151 11.75 2.14 -26.30
C LEU C 151 11.20 0.82 -25.78
N VAL C 152 9.93 0.82 -25.38
CA VAL C 152 9.33 -0.37 -24.78
C VAL C 152 9.39 -1.54 -25.75
N GLN C 153 9.17 -1.27 -27.04
CA GLN C 153 9.21 -2.33 -28.03
C GLN C 153 10.60 -2.95 -28.09
N SER C 154 11.62 -2.10 -28.21
CA SER C 154 13.00 -2.56 -28.03
C SER C 154 13.12 -3.48 -26.83
N TRP C 155 12.67 -2.99 -25.68
CA TRP C 155 12.96 -3.64 -24.42
C TRP C 155 12.33 -5.01 -24.31
N LEU C 156 11.11 -5.17 -24.86
CA LEU C 156 10.40 -6.44 -24.77
C LEU C 156 10.84 -7.44 -25.84
N ALA C 157 11.30 -6.95 -26.99
CA ALA C 157 11.59 -7.82 -28.13
C ALA C 157 10.34 -8.68 -28.32
N GLY C 158 10.45 -9.99 -28.44
CA GLY C 158 9.24 -10.75 -28.67
C GLY C 158 8.80 -11.56 -27.48
N THR C 159 8.98 -11.02 -26.27
CA THR C 159 8.82 -11.85 -25.10
C THR C 159 7.37 -12.20 -24.83
N THR C 160 7.16 -13.38 -24.26
CA THR C 160 5.89 -13.73 -23.64
C THR C 160 6.03 -13.89 -22.14
N ASN C 161 7.15 -13.46 -21.57
CA ASN C 161 7.36 -13.49 -20.12
C ASN C 161 6.33 -12.59 -19.45
N GLN C 162 5.42 -13.17 -18.67
CA GLN C 162 4.31 -12.38 -18.12
C GLN C 162 4.80 -11.39 -17.06
N ALA C 163 5.77 -11.77 -16.22
CA ALA C 163 6.30 -10.82 -15.25
C ALA C 163 6.78 -9.55 -15.93
N VAL C 164 7.49 -9.68 -17.05
CA VAL C 164 8.01 -8.50 -17.73
C VAL C 164 6.88 -7.72 -18.40
N LEU C 165 5.99 -8.42 -19.10
CA LEU C 165 4.90 -7.74 -19.81
C LEU C 165 3.97 -7.02 -18.83
N ASP C 166 3.61 -7.66 -17.74
CA ASP C 166 2.78 -7.01 -16.73
C ASP C 166 3.50 -5.84 -16.09
N HIS C 167 4.81 -5.97 -15.85
CA HIS C 167 5.56 -4.86 -15.28
C HIS C 167 5.45 -3.62 -16.14
N VAL C 168 5.66 -3.78 -17.44
CA VAL C 168 5.74 -2.61 -18.31
C VAL C 168 4.33 -2.10 -18.65
N ARG C 169 3.37 -2.98 -18.76
CA ARG C 169 2.05 -2.57 -19.22
C ARG C 169 1.24 -1.97 -18.08
N TYR C 170 1.39 -2.54 -16.90
CA TYR C 170 0.46 -2.37 -15.81
C TYR C 170 1.08 -1.80 -14.54
N ASP C 171 2.34 -2.11 -14.23
CA ASP C 171 2.94 -1.78 -12.94
C ASP C 171 3.81 -0.53 -13.01
N SER C 172 3.76 0.22 -14.11
CA SER C 172 4.59 1.42 -14.24
C SER C 172 3.78 2.65 -14.64
N GLY C 173 2.51 2.73 -14.23
CA GLY C 173 1.72 3.90 -14.53
C GLY C 173 2.12 5.11 -13.69
N GLY C 174 1.47 6.24 -13.97
CA GLY C 174 1.51 7.38 -13.07
C GLY C 174 2.65 8.34 -13.31
N HIS C 175 3.39 8.14 -14.40
CA HIS C 175 4.41 9.06 -14.83
C HIS C 175 4.02 9.60 -16.21
N GLY C 176 4.52 10.76 -16.55
CA GLY C 176 4.23 11.38 -17.83
C GLY C 176 5.42 12.16 -18.31
N PHE C 177 5.17 13.31 -18.93
CA PHE C 177 6.22 13.99 -19.67
C PHE C 177 7.28 14.59 -18.73
N ASP C 178 6.88 15.06 -17.56
CA ASP C 178 7.85 15.67 -16.66
C ASP C 178 8.99 14.70 -16.35
N MET C 179 8.64 13.45 -16.09
CA MET C 179 9.65 12.50 -15.61
C MET C 179 10.35 11.86 -16.79
N TRP C 180 9.60 11.50 -17.84
CA TRP C 180 10.23 10.92 -19.02
C TRP C 180 11.17 11.91 -19.70
N ALA C 181 10.78 13.18 -19.76
CA ALA C 181 11.67 14.18 -20.30
C ALA C 181 12.91 14.30 -19.45
N ARG C 182 12.74 14.34 -18.13
CA ARG C 182 13.90 14.41 -17.25
C ARG C 182 14.82 13.21 -17.45
N ALA C 183 14.28 12.00 -17.58
CA ALA C 183 15.15 10.84 -17.82
C ALA C 183 15.98 11.05 -19.08
N GLY C 184 15.35 11.53 -20.16
CA GLY C 184 16.07 11.84 -21.39
C GLY C 184 17.21 12.81 -21.21
N ARG C 185 16.96 13.93 -20.50
CA ARG C 185 18.00 14.94 -20.27
C ARG C 185 19.14 14.35 -19.47
N VAL C 186 18.80 13.63 -18.41
CA VAL C 186 19.81 13.17 -17.46
C VAL C 186 20.63 12.05 -18.08
N ILE C 187 19.98 11.12 -18.77
CA ILE C 187 20.71 10.03 -19.41
C ILE C 187 21.56 10.59 -20.54
N ASP C 188 21.02 11.52 -21.33
CA ASP C 188 21.79 12.15 -22.39
C ASP C 188 23.00 12.89 -21.82
N GLU C 189 22.79 13.69 -20.78
CA GLU C 189 23.91 14.44 -20.22
C GLU C 189 24.99 13.51 -19.69
N ALA C 190 24.57 12.41 -19.06
CA ALA C 190 25.52 11.45 -18.51
C ALA C 190 26.43 10.85 -19.58
N TYR C 191 25.84 10.40 -20.70
CA TYR C 191 26.69 9.90 -21.79
C TYR C 191 27.56 11.01 -22.41
N ARG C 192 27.03 12.22 -22.55
CA ARG C 192 27.87 13.30 -23.08
C ARG C 192 28.97 13.69 -22.09
N THR C 193 28.68 13.68 -20.80
CA THR C 193 29.67 14.04 -19.79
C THR C 193 30.78 12.98 -19.69
N TRP C 194 30.41 11.70 -19.59
CA TRP C 194 31.33 10.61 -19.27
C TRP C 194 31.75 9.81 -20.50
N GLY C 195 31.09 10.03 -21.62
CA GLY C 195 31.28 9.19 -22.81
C GLY C 195 30.56 7.87 -22.70
N SER C 196 30.76 7.14 -21.61
CA SER C 196 30.11 5.84 -21.43
C SER C 196 30.19 5.46 -19.95
N PRO C 197 29.36 4.53 -19.51
CA PRO C 197 29.51 4.07 -18.13
C PRO C 197 30.86 3.45 -17.86
N MET C 198 31.46 2.79 -18.85
CA MET C 198 32.78 2.22 -18.62
C MET C 198 33.81 3.29 -18.36
N ARG C 199 33.78 4.39 -19.12
CA ARG C 199 34.62 5.52 -18.79
C ARG C 199 34.31 6.04 -17.39
N ARG C 200 33.02 6.07 -17.02
CA ARG C 200 32.65 6.47 -15.66
C ARG C 200 33.33 5.60 -14.62
N MET C 201 33.34 4.29 -14.82
CA MET C 201 33.92 3.34 -13.87
C MET C 201 35.42 3.52 -13.76
N GLU C 202 36.07 3.87 -14.88
CA GLU C 202 37.51 4.10 -14.83
C GLU C 202 37.84 5.38 -14.07
N ALA C 203 36.90 6.34 -13.99
CA ALA C 203 37.14 7.55 -13.20
C ALA C 203 36.96 7.33 -11.70
N LEU C 204 36.51 6.16 -11.27
CA LEU C 204 36.31 5.96 -9.84
C LEU C 204 37.64 6.08 -9.13
N ALA C 205 37.65 6.90 -8.09
CA ALA C 205 38.79 7.03 -7.19
C ALA C 205 39.36 5.67 -6.80
N GLU C 206 38.52 4.80 -6.24
CA GLU C 206 38.93 3.46 -5.86
C GLU C 206 37.82 2.52 -6.31
N PRO C 207 37.95 1.89 -7.47
CA PRO C 207 36.85 1.02 -7.95
C PRO C 207 36.57 -0.10 -6.97
N CYS C 208 35.28 -0.32 -6.70
CA CYS C 208 34.87 -1.52 -6.00
C CYS C 208 34.67 -2.64 -7.02
N ALA C 209 34.24 -3.80 -6.54
CA ALA C 209 33.82 -4.88 -7.44
C ALA C 209 32.55 -4.48 -8.15
N ILE C 210 32.59 -4.42 -9.48
CA ILE C 210 31.46 -4.05 -10.29
C ILE C 210 31.15 -5.19 -11.25
N ARG C 211 29.89 -5.63 -11.25
CA ARG C 211 29.43 -6.69 -12.12
C ARG C 211 28.29 -6.19 -13.00
N HIS C 212 28.38 -6.47 -14.27
CA HIS C 212 27.34 -6.11 -15.21
C HIS C 212 26.69 -7.37 -15.74
N VAL C 213 25.38 -7.45 -15.61
CA VAL C 213 24.59 -8.60 -16.03
C VAL C 213 23.60 -8.04 -17.02
N PHE C 214 23.45 -8.71 -18.17
CA PHE C 214 22.69 -8.12 -19.26
C PHE C 214 22.23 -9.22 -20.22
N SER C 215 21.15 -8.91 -20.90
CA SER C 215 20.65 -9.75 -21.98
C SER C 215 20.68 -9.04 -23.33
N HIS C 216 20.76 -7.72 -23.36
CA HIS C 216 20.17 -7.22 -24.57
C HIS C 216 20.98 -6.87 -25.77
N PRO C 217 21.88 -5.93 -25.70
CA PRO C 217 22.61 -5.66 -26.92
C PRO C 217 22.91 -7.07 -27.40
N LYS C 218 22.64 -7.37 -28.67
CA LYS C 218 22.88 -8.71 -29.18
C LYS C 218 24.33 -9.14 -28.95
N ILE C 219 24.54 -10.45 -29.01
CA ILE C 219 25.87 -11.03 -28.84
C ILE C 219 26.80 -10.55 -29.97
N GLY C 220 28.07 -10.39 -29.65
CA GLY C 220 29.04 -9.97 -30.65
C GLY C 220 30.10 -9.04 -30.12
N GLU C 221 30.21 -7.85 -30.72
CA GLU C 221 31.21 -6.88 -30.30
C GLU C 221 30.96 -6.33 -28.89
N TYR C 222 29.71 -6.38 -28.40
CA TYR C 222 29.42 -5.94 -27.03
C TYR C 222 30.15 -6.83 -26.02
N ASP C 223 30.16 -8.15 -26.26
CA ASP C 223 30.85 -9.07 -25.37
C ASP C 223 32.36 -8.91 -25.45
N ALA C 224 32.89 -8.74 -26.66
CA ALA C 224 34.31 -8.43 -26.83
C ALA C 224 34.73 -7.19 -26.05
N LEU C 225 33.91 -6.13 -26.09
CA LEU C 225 34.14 -4.95 -25.27
C LEU C 225 34.24 -5.30 -23.79
N HIS C 226 33.35 -6.16 -23.33
CA HIS C 226 33.35 -6.58 -21.94
C HIS C 226 34.54 -7.47 -21.63
N ASP C 227 34.89 -8.38 -22.55
CA ASP C 227 36.10 -9.19 -22.37
C ASP C 227 37.31 -8.30 -22.19
N ASP C 228 37.40 -7.25 -23.00
CA ASP C 228 38.54 -6.36 -22.96
C ASP C 228 38.57 -5.57 -21.65
N PHE C 229 37.43 -5.00 -21.26
CA PHE C 229 37.36 -4.28 -20.00
C PHE C 229 37.73 -5.18 -18.82
N ALA C 230 37.23 -6.39 -18.79
CA ALA C 230 37.53 -7.30 -17.68
C ALA C 230 38.98 -7.74 -17.69
N ALA C 231 39.61 -7.82 -18.86
CA ALA C 231 41.03 -8.14 -18.90
C ALA C 231 41.86 -6.98 -18.37
N ARG C 232 41.39 -5.75 -18.59
CA ARG C 232 42.10 -4.59 -18.09
C ARG C 232 41.82 -4.28 -16.63
N HIS C 233 40.69 -4.72 -16.09
CA HIS C 233 40.26 -4.30 -14.75
C HIS C 233 39.78 -5.50 -13.96
N PRO C 234 40.61 -6.04 -13.07
CA PRO C 234 40.20 -7.23 -12.29
C PRO C 234 38.98 -6.99 -11.37
N TRP C 235 38.70 -5.76 -11.04
CA TRP C 235 37.53 -5.46 -10.22
C TRP C 235 36.22 -5.51 -11.01
N PHE C 236 36.29 -5.62 -12.33
CA PHE C 236 35.10 -5.67 -13.16
C PHE C 236 34.80 -7.12 -13.53
N SER C 237 33.52 -7.44 -13.59
CA SER C 237 33.11 -8.74 -14.11
C SER C 237 31.79 -8.55 -14.84
N TYR C 238 31.42 -9.57 -15.59
CA TYR C 238 30.20 -9.43 -16.37
C TYR C 238 29.62 -10.79 -16.64
N ARG C 239 28.33 -10.79 -16.99
CA ARG C 239 27.64 -12.00 -17.38
C ARG C 239 26.58 -11.67 -18.40
N ARG C 240 26.69 -12.22 -19.60
CA ARG C 240 25.56 -12.22 -20.52
C ARG C 240 24.56 -13.29 -20.12
N LEU C 241 23.29 -12.91 -20.02
CA LEU C 241 22.24 -13.87 -19.72
C LEU C 241 21.46 -14.20 -20.99
N GLY C 242 20.68 -15.27 -20.93
CA GLY C 242 19.91 -15.77 -22.05
C GLY C 242 18.51 -15.18 -22.21
N GLY C 243 18.26 -14.01 -21.64
CA GLY C 243 16.93 -13.43 -21.71
C GLY C 243 16.61 -12.79 -23.05
N GLU C 244 15.33 -12.57 -23.25
CA GLU C 244 14.87 -11.81 -24.41
C GLU C 244 14.79 -10.33 -24.17
N THR C 245 14.70 -9.87 -22.91
CA THR C 245 14.31 -8.50 -22.61
C THR C 245 15.42 -7.70 -21.96
N HIS C 246 15.15 -6.39 -21.88
CA HIS C 246 15.97 -5.40 -21.21
C HIS C 246 15.83 -5.43 -19.70
N PHE C 247 15.05 -6.37 -19.14
CA PHE C 247 14.74 -6.42 -17.71
C PHE C 247 15.19 -7.76 -17.11
N PRO C 248 16.50 -8.04 -17.09
CA PRO C 248 16.95 -9.33 -16.55
C PRO C 248 16.51 -9.62 -15.11
N GLY C 249 16.39 -8.58 -14.25
CA GLY C 249 15.97 -8.83 -12.88
C GLY C 249 14.52 -9.30 -12.78
N ILE C 250 13.69 -8.94 -13.75
CA ILE C 250 12.29 -9.37 -13.78
C ILE C 250 12.12 -10.65 -14.55
N GLU C 251 12.86 -10.80 -15.67
CA GLU C 251 12.76 -12.00 -16.53
C GLU C 251 13.43 -13.20 -15.90
N LEU C 252 14.60 -13.01 -15.29
CA LEU C 252 15.41 -14.10 -14.75
C LEU C 252 15.79 -13.79 -13.30
N PRO C 253 14.80 -13.61 -12.43
CA PRO C 253 15.11 -13.14 -11.07
C PRO C 253 15.99 -14.09 -10.27
N GLN C 254 15.75 -15.38 -10.38
CA GLN C 254 16.55 -16.34 -9.62
C GLN C 254 18.01 -16.23 -10.03
N GLN C 255 18.27 -16.18 -11.33
CA GLN C 255 19.64 -16.16 -11.79
C GLN C 255 20.31 -14.84 -11.44
N VAL C 256 19.58 -13.73 -11.52
CA VAL C 256 20.23 -12.45 -11.24
C VAL C 256 20.51 -12.33 -9.73
N ALA C 257 19.58 -12.80 -8.90
CA ALA C 257 19.80 -12.80 -7.46
C ALA C 257 21.01 -13.65 -7.09
N ALA C 258 21.14 -14.83 -7.70
CA ALA C 258 22.33 -15.65 -7.45
C ALA C 258 23.60 -14.93 -7.85
N GLU C 259 23.61 -14.23 -9.00
CA GLU C 259 24.77 -13.41 -9.34
C GLU C 259 25.07 -12.35 -8.27
N ALA C 260 24.05 -11.64 -7.77
CA ALA C 260 24.29 -10.65 -6.72
C ALA C 260 24.90 -11.28 -5.49
N ILE C 261 24.38 -12.42 -5.10
CA ILE C 261 24.82 -13.13 -3.90
C ILE C 261 26.25 -13.58 -4.08
N ASP C 262 26.61 -14.02 -5.29
CA ASP C 262 27.98 -14.42 -5.60
C ASP C 262 28.92 -13.22 -5.63
N LEU C 263 28.49 -12.12 -6.24
CA LEU C 263 29.28 -10.89 -6.19
C LEU C 263 29.61 -10.52 -4.74
N LEU C 264 28.61 -10.54 -3.88
CA LEU C 264 28.82 -10.10 -2.51
C LEU C 264 29.77 -11.04 -1.78
N ALA C 265 29.63 -12.34 -2.03
CA ALA C 265 30.52 -13.33 -1.42
C ALA C 265 31.98 -13.05 -1.73
N GLY C 266 32.28 -12.68 -2.98
CA GLY C 266 33.63 -12.43 -3.44
C GLY C 266 34.23 -11.10 -3.05
N ALA C 267 33.45 -10.20 -2.43
CA ALA C 267 33.95 -8.88 -2.02
C ALA C 267 33.97 -8.75 -0.50
#